data_1HZS
# 
_entry.id   1HZS 
# 
_audit_conform.dict_name       mmcif_pdbx.dic 
_audit_conform.dict_version    5.381 
_audit_conform.dict_location   http://mmcif.pdb.org/dictionaries/ascii/mmcif_pdbx.dic 
# 
loop_
_database_2.database_id 
_database_2.database_code 
_database_2.pdbx_database_accession 
_database_2.pdbx_DOI 
PDB   1HZS         pdb_00001hzs 10.2210/pdb1hzs/pdb 
NDB   UP0002       ?            ?                   
RCSB  RCSB012727   ?            ?                   
WWPDB D_1000012727 ?            ?                   
# 
loop_
_pdbx_database_related.db_name 
_pdbx_database_related.db_id 
_pdbx_database_related.details 
_pdbx_database_related.content_type 
PDB 1PUP 'Peptide Nucleic Acid duplex'             unspecified 
PDB 1PDT 'Peptide Nucleic Acid complexed with DNA' unspecified 
PDB 1PNN 'Peptide Nucleic Acid/DNA triplex'        unspecified 
PDB 176D 'Peptide Nucleic Acid complexed with RNA' unspecified 
# 
_pdbx_database_status.status_code                     REL 
_pdbx_database_status.entry_id                        1HZS 
_pdbx_database_status.recvd_initial_deposition_date   2001-01-26 
_pdbx_database_status.deposit_site                    RCSB 
_pdbx_database_status.process_site                    RCSB 
_pdbx_database_status.status_code_sf                  REL 
_pdbx_database_status.status_code_mr                  ? 
_pdbx_database_status.SG_entry                        ? 
_pdbx_database_status.pdb_format_compatible           Y 
_pdbx_database_status.status_code_cs                  ? 
_pdbx_database_status.status_code_nmr_data            ? 
_pdbx_database_status.methods_development_category    ? 
# 
loop_
_audit_author.name 
_audit_author.pdbx_ordinal 
'Eldrup, A.B.'    1 
'Nielsen, B.B.'   2 
'Haaima, G.'      3 
'Rasmussen, H.'   4 
'Kastrup, J.S.'   5 
'Christensen, C.' 6 
'Nielsen, P.E.'   7 
# 
loop_
_citation.id 
_citation.title 
_citation.journal_abbrev 
_citation.journal_volume 
_citation.page_first 
_citation.page_last 
_citation.year 
_citation.journal_id_ASTM 
_citation.country 
_citation.journal_id_ISSN 
_citation.journal_id_CSD 
_citation.book_publisher 
_citation.pdbx_database_id_PubMed 
_citation.pdbx_database_id_DOI 
primary '1,8-Naphthyridin-2(1H)-ones. Novel Bicyclic and Tricyclic Analogues of Thymine in Peptide Nucleic Acids (PNAs)' 
Eur.J.Org.Chem.  9  1781 1790 2001 ?      GE 1434-193X ?    ? -1 ?                
1       'Crystal Structure of a Peptide Nucleic Acid (PNA) Duplex at 1.7 A Resolution' Nat.Struct.Biol. 4  98   101  1997 NSBIEW 
US 1072-8368 2024 ? ?  ?                
2       
'Peptide Nucleic Acids (PNA) Derived from N-(N-methylaminoethyl)glycine. Synthesis, Hybridization and Structural Properties' 
'New J.Chem.'    23 833  840  1999 ?      FR 1144-0546 ?    ? ?  10.1039/a902091h 
# 
loop_
_citation_author.citation_id 
_citation_author.name 
_citation_author.ordinal 
_citation_author.identifier_ORCID 
primary 'Eldrup, A.B.'    1  ? 
primary 'Nielsen, B.B.'   2  ? 
primary 'Haaima, G.'      3  ? 
primary 'Rasmussen, H.'   4  ? 
primary 'Kastrup, J.S.'   5  ? 
primary 'Christensen, C.' 6  ? 
primary 'Nielsen, P.E.'   7  ? 
1       'Rasmussen, H.'   8  ? 
1       'Kastrup, J.S.'   9  ? 
1       'Nielsen, J.N.'   10 ? 
1       'Nielsen, J.M.'   11 ? 
1       'Nielsen, P.E.'   12 ? 
2       'Haima, G.'       13 ? 
2       'Rasmussen, H.'   14 ? 
2       'Schmidt, G.'     15 ? 
2       'Jensen, D.K.'    16 ? 
2       'Kastrup, J.S.'   17 ? 
2       'Stafshede, P.W.' 18 ? 
2       'Norden, B.'      19 ? 
2       'Buchardt, O.'    20 ? 
2       'Nielsen, P.E.'   21 ? 
# 
_cell.entry_id           1HZS 
_cell.length_a           30.340 
_cell.length_b           45.000 
_cell.length_c           49.280 
_cell.angle_alpha        90.00 
_cell.angle_beta         90.00 
_cell.angle_gamma        90.00 
_cell.Z_PDB              16 
_cell.pdbx_unique_axis   ? 
# 
_symmetry.entry_id                         1HZS 
_symmetry.space_group_name_H-M             'P 21 21 2' 
_symmetry.pdbx_full_space_group_name_H-M   ? 
_symmetry.cell_setting                     ? 
_symmetry.Int_Tables_number                18 
_symmetry.space_group_name_Hall            ? 
# 
loop_
_entity.id 
_entity.type 
_entity.src_method 
_entity.pdbx_description 
_entity.formula_weight 
_entity.pdbx_number_of_molecules 
_entity.pdbx_ec 
_entity.pdbx_mutation 
_entity.pdbx_fragment 
_entity.details 
1 polymer syn 'PEPTIDE NUCLEIC ACID' 1733.858 4   ? ? ? ? 
2 water   nat water                  18.015   110 ? ? ? ? 
# 
_entity_poly.entity_id                      1 
_entity_poly.type                           polydeoxyribonucleotide 
_entity_poly.nstd_linkage                   no 
_entity_poly.nstd_monomer                   yes 
_entity_poly.pdbx_seq_one_letter_code       '(GPN)(OPN)(APN)(TPN)(APN)(CPN)K(NH2)' 
_entity_poly.pdbx_seq_one_letter_code_can   XXXXXXKX 
_entity_poly.pdbx_strand_id                 A,B,C,D 
_entity_poly.pdbx_target_identifier         ? 
# 
loop_
_entity_poly_seq.entity_id 
_entity_poly_seq.num 
_entity_poly_seq.mon_id 
_entity_poly_seq.hetero 
1 1 GPN n 
1 2 OPN n 
1 3 APN n 
1 4 TPN n 
1 5 APN n 
1 6 CPN n 
1 7 LYS n 
1 8 NH2 n 
# 
_pdbx_entity_src_syn.entity_id              1 
_pdbx_entity_src_syn.pdbx_src_id            1 
_pdbx_entity_src_syn.pdbx_alt_source_flag   sample 
_pdbx_entity_src_syn.pdbx_beg_seq_num       ? 
_pdbx_entity_src_syn.pdbx_end_seq_num       ? 
_pdbx_entity_src_syn.organism_scientific    ? 
_pdbx_entity_src_syn.organism_common_name   ? 
_pdbx_entity_src_syn.ncbi_taxonomy_id       ? 
_pdbx_entity_src_syn.details                'Synthesized as described in the primary reference' 
# 
_struct_ref.id                         1 
_struct_ref.entity_id                  1 
_struct_ref.db_name                    PDB 
_struct_ref.db_code                    1HZS 
_struct_ref.pdbx_db_accession          1HZS 
_struct_ref.pdbx_db_isoform            ? 
_struct_ref.pdbx_seq_one_letter_code   ? 
_struct_ref.pdbx_align_begin           ? 
# 
loop_
_struct_ref_seq.align_id 
_struct_ref_seq.ref_id 
_struct_ref_seq.pdbx_PDB_id_code 
_struct_ref_seq.pdbx_strand_id 
_struct_ref_seq.seq_align_beg 
_struct_ref_seq.pdbx_seq_align_beg_ins_code 
_struct_ref_seq.seq_align_end 
_struct_ref_seq.pdbx_seq_align_end_ins_code 
_struct_ref_seq.pdbx_db_accession 
_struct_ref_seq.db_align_beg 
_struct_ref_seq.pdbx_db_align_beg_ins_code 
_struct_ref_seq.db_align_end 
_struct_ref_seq.pdbx_db_align_end_ins_code 
_struct_ref_seq.pdbx_auth_seq_align_beg 
_struct_ref_seq.pdbx_auth_seq_align_end 
1 1 1HZS A 1 ? 8 ? 1HZS 1  ? 8  ? 1  8  
2 1 1HZS B 1 ? 8 ? 1HZS 9  ? 16 ? 9  16 
3 1 1HZS C 1 ? 8 ? 1HZS 17 ? 24 ? 17 24 
4 1 1HZS D 1 ? 8 ? 1HZS 25 ? 32 ? 25 32 
# 
loop_
_chem_comp.id 
_chem_comp.type 
_chem_comp.mon_nstd_flag 
_chem_comp.name 
_chem_comp.pdbx_synonyms 
_chem_comp.formula 
_chem_comp.formula_weight 
APN peptide-like        . 2-AMINOETHYLGLYCINE-CARBONYLMETHYLENE-ADENINE                                               ? 
'C11 H16 N7 O3 1' 294.290 
CPN peptide-like        . 2-AMINOETHYLGLYCINE-CARBONYLMETHYLENE-CYTOSINE                                              ? 
'C10 H16 N5 O4 1' 270.265 
GPN peptide-like        . 2-AMINOETHYLGLYCINE-CARBONYLMETHYLENE-GUANINE                                               ? 
'C11 H16 N7 O4 1' 310.289 
HOH non-polymer         . WATER                                                                                       ? 'H2 O' 
18.015  
LYS 'L-peptide linking' y LYSINE                                                                                      ? 
'C6 H15 N2 O2 1'  147.195 
NH2 non-polymer         . 'AMINO GROUP'                                                                               ? 'H2 N' 
16.023  
OPN non-polymer         . '{(2-AMINO-ETHYL)-[2-(2-OXO-1,2-DIHYDRO-[1,8]NAPHTHYRIDIN-3-YL)-ACETYL]-AMINO}-ACETIC ACID' ? 
'C14 H17 N4 O4 1' 305.309 
TPN peptide-like        . 2-AMINOETHYLGLYCINE-CARBONYLMETHYLENE-THYMINE                                               ? 
'C11 H17 N4 O5 1' 285.276 
# 
_exptl.entry_id          1HZS 
_exptl.method            'X-RAY DIFFRACTION' 
_exptl.crystals_number   1 
# 
_exptl_crystal.id                    1 
_exptl_crystal.density_meas          ? 
_exptl_crystal.density_Matthews      2.43 
_exptl_crystal.density_percent_sol   49.28 
_exptl_crystal.description           ? 
_exptl_crystal.F_000                 ? 
_exptl_crystal.preparation           ? 
# 
_exptl_crystal_grow.crystal_id      1 
_exptl_crystal_grow.method          'VAPOR DIFFUSION, HANGING DROP' 
_exptl_crystal_grow.temp            293.0 
_exptl_crystal_grow.temp_details    ? 
_exptl_crystal_grow.pH              4 
_exptl_crystal_grow.pdbx_details    '2-propanol, ammonium sulphate, pH 4, VAPOR DIFFUSION, HANGING DROP, temperature 293.0K' 
_exptl_crystal_grow.pdbx_pH_range   . 
# 
loop_
_exptl_crystal_grow_comp.crystal_id 
_exptl_crystal_grow_comp.id 
_exptl_crystal_grow_comp.sol_id 
_exptl_crystal_grow_comp.name 
_exptl_crystal_grow_comp.volume 
_exptl_crystal_grow_comp.conc 
_exptl_crystal_grow_comp.details 
1 1 1 2-propanol          ? ? ? 
1 2 1 'ammonium sulphate' ? ? ? 
# 
_diffrn.id                     1 
_diffrn.ambient_temp           293.0 
_diffrn.ambient_temp_details   ? 
_diffrn.crystal_id             1 
# 
_diffrn_detector.diffrn_id              1 
_diffrn_detector.detector               'IMAGE PLATE' 
_diffrn_detector.type                   MARRESEARCH 
_diffrn_detector.pdbx_collection_date   1999-08-18 
_diffrn_detector.details                'segmental toroidal mirror' 
# 
_diffrn_radiation.diffrn_id                        1 
_diffrn_radiation.wavelength_id                    1 
_diffrn_radiation.pdbx_monochromatic_or_laue_m_l   M 
_diffrn_radiation.monochromator                    silicon 
_diffrn_radiation.pdbx_diffrn_protocol             'SINGLE WAVELENGTH' 
_diffrn_radiation.pdbx_scattering_type             x-ray 
# 
_diffrn_radiation_wavelength.id           1 
_diffrn_radiation_wavelength.wavelength   1.0500 
_diffrn_radiation_wavelength.wt           1.0 
# 
_diffrn_source.diffrn_id                   1 
_diffrn_source.source                      SYNCHROTRON 
_diffrn_source.type                        'EMBL/DESY, HAMBURG BEAMLINE X31' 
_diffrn_source.pdbx_synchrotron_site       'EMBL/DESY, HAMBURG' 
_diffrn_source.pdbx_synchrotron_beamline   X31 
_diffrn_source.pdbx_wavelength             ? 
_diffrn_source.pdbx_wavelength_list        1.0500 
# 
_reflns.entry_id                     1HZS 
_reflns.observed_criterion_sigma_I   0.0 
_reflns.observed_criterion_sigma_F   0.0 
_reflns.d_resolution_low             30.0 
_reflns.d_resolution_high            1.82 
_reflns.number_obs                   6233 
_reflns.number_all                   6245 
_reflns.percent_possible_obs         97.2 
_reflns.pdbx_Rmerge_I_obs            0.055 
_reflns.pdbx_Rsym_value              ? 
_reflns.pdbx_netI_over_sigmaI        20.1 
_reflns.B_iso_Wilson_estimate        19.1 
_reflns.pdbx_redundancy              3.8 
_reflns.R_free_details               ? 
_reflns.pdbx_chi_squared             ? 
_reflns.pdbx_scaling_rejects         ? 
_reflns.pdbx_ordinal                 1 
_reflns.pdbx_diffrn_id               1 
# 
_reflns_shell.d_res_high             1.82 
_reflns_shell.d_res_low              1.84 
_reflns_shell.percent_possible_all   81.6 
_reflns_shell.Rmerge_I_obs           0.281 
_reflns_shell.pdbx_Rsym_value        ? 
_reflns_shell.meanI_over_sigI_obs    2.6 
_reflns_shell.pdbx_redundancy        2.9 
_reflns_shell.percent_possible_obs   ? 
_reflns_shell.number_unique_all      169 
_reflns_shell.number_measured_all    ? 
_reflns_shell.number_measured_obs    ? 
_reflns_shell.number_unique_obs      ? 
_reflns_shell.pdbx_chi_squared       ? 
_reflns_shell.pdbx_ordinal           1 
_reflns_shell.pdbx_diffrn_id         1 
# 
_refine.entry_id                                 1HZS 
_refine.ls_number_reflns_obs                     4196 
_refine.ls_number_reflns_all                     6024 
_refine.pdbx_ls_sigma_I                          0 
_refine.pdbx_ls_sigma_F                          3.0 
_refine.pdbx_data_cutoff_high_absF               ? 
_refine.pdbx_data_cutoff_low_absF                ? 
_refine.ls_d_res_low                             6.0 
_refine.ls_d_res_high                            1.82 
_refine.ls_percent_reflns_obs                    ? 
_refine.ls_R_factor_obs                          ? 
_refine.ls_R_factor_all                          ? 
_refine.ls_R_factor_R_work                       0.208 
_refine.ls_R_factor_R_free                       0.264 
_refine.ls_R_factor_R_free_error                 ? 
_refine.ls_R_factor_R_free_error_details         ? 
_refine.ls_percent_reflns_R_free                 10 
_refine.ls_number_reflns_R_free                  455 
_refine.ls_number_parameters                     ? 
_refine.ls_number_restraints                     ? 
_refine.occupancy_min                            ? 
_refine.occupancy_max                            ? 
_refine.B_iso_mean                               16.2 
_refine.aniso_B[1][1]                            ? 
_refine.aniso_B[2][2]                            ? 
_refine.aniso_B[3][3]                            ? 
_refine.aniso_B[1][2]                            ? 
_refine.aniso_B[1][3]                            ? 
_refine.aniso_B[2][3]                            ? 
_refine.solvent_model_details                    ? 
_refine.solvent_model_param_ksol                 ? 
_refine.solvent_model_param_bsol                 ? 
_refine.pdbx_ls_cross_valid_method               THROUGHOUT 
_refine.details                                  'OWN PARAMETER AND TOPOLOGY FILE CREATED' 
_refine.pdbx_starting_model                      'PDB entry 1PUP' 
_refine.pdbx_method_to_determine_struct          'MOLECULAR REPLACEMENT' 
_refine.pdbx_isotropic_thermal_model             ? 
_refine.pdbx_stereochemistry_target_values       'own target values' 
_refine.pdbx_stereochem_target_val_spec_case     ? 
_refine.pdbx_R_Free_selection_details            random 
_refine.pdbx_overall_ESU_R_Free                  ? 
_refine.overall_SU_B                             ? 
_refine.ls_redundancy_reflns_obs                 ? 
_refine.correlation_coeff_Fo_to_Fc               ? 
_refine.correlation_coeff_Fo_to_Fc_free          ? 
_refine.overall_SU_R_Cruickshank_DPI             ? 
_refine.overall_SU_R_free                        ? 
_refine.overall_SU_ML                            ? 
_refine.pdbx_overall_ESU_R                       ? 
_refine.pdbx_data_cutoff_high_rms_absF           ? 
_refine.pdbx_solvent_vdw_probe_radii             ? 
_refine.pdbx_solvent_ion_probe_radii             ? 
_refine.pdbx_solvent_shrinkage_radii             ? 
_refine.ls_wR_factor_R_free                      ? 
_refine.ls_wR_factor_R_work                      ? 
_refine.overall_FOM_free_R_set                   ? 
_refine.overall_FOM_work_R_set                   ? 
_refine.pdbx_refine_id                           'X-RAY DIFFRACTION' 
_refine.pdbx_diffrn_id                           1 
_refine.pdbx_TLS_residual_ADP_flag               ? 
_refine.pdbx_overall_phase_error                 ? 
_refine.pdbx_overall_SU_R_free_Cruickshank_DPI   ? 
_refine.pdbx_overall_SU_R_Blow_DPI               ? 
_refine.pdbx_overall_SU_R_free_Blow_DPI          ? 
# 
_refine_hist.pdbx_refine_id                   'X-RAY DIFFRACTION' 
_refine_hist.cycle_id                         LAST 
_refine_hist.pdbx_number_atoms_protein        516 
_refine_hist.pdbx_number_atoms_nucleic_acid   0 
_refine_hist.pdbx_number_atoms_ligand         0 
_refine_hist.number_atoms_solvent             110 
_refine_hist.number_atoms_total               626 
_refine_hist.d_res_high                       1.82 
_refine_hist.d_res_low                        6.0 
# 
loop_
_refine_ls_restr.type 
_refine_ls_restr.dev_ideal 
_refine_ls_restr.dev_ideal_target 
_refine_ls_restr.weight 
_refine_ls_restr.number 
_refine_ls_restr.pdbx_refine_id 
_refine_ls_restr.pdbx_restraint_function 
x_bond_d    0.013 ? ? ? 'X-RAY DIFFRACTION' ? 
x_angle_deg 3.0   ? ? ? 'X-RAY DIFFRACTION' ? 
# 
_refine_ls_shell.pdbx_total_number_of_bins_used   8 
_refine_ls_shell.d_res_high                       1.82 
_refine_ls_shell.d_res_low                        1.90 
_refine_ls_shell.number_reflns_R_work             281 
_refine_ls_shell.R_factor_R_work                  0.241 
_refine_ls_shell.percent_reflns_obs               ? 
_refine_ls_shell.R_factor_R_free                  0.266 
_refine_ls_shell.R_factor_R_free_error            ? 
_refine_ls_shell.percent_reflns_R_free            10 
_refine_ls_shell.number_reflns_R_free             41 
_refine_ls_shell.redundancy_reflns_obs            ? 
_refine_ls_shell.pdbx_refine_id                   'X-RAY DIFFRACTION' 
_refine_ls_shell.number_reflns_all                ? 
_refine_ls_shell.R_factor_all                     ? 
# 
_struct.entry_id                  1HZS 
_struct.title                     
'Crystal structure of a peptide nucleic acid duplex (BT-PNA) containing a bicyclic analogue of thymine' 
_struct.pdbx_model_details        ? 
_struct.pdbx_CASP_flag            ? 
_struct.pdbx_model_type_details   ? 
# 
_struct_keywords.entry_id        1HZS 
_struct_keywords.pdbx_keywords   'PEPTIDE NUCLEIC ACID' 
_struct_keywords.text            'peptide nucleic acid, double helix, nucleobase analogue, P-form helix, left-handed, right-handed' 
# 
loop_
_struct_asym.id 
_struct_asym.pdbx_blank_PDB_chainid_flag 
_struct_asym.pdbx_modified 
_struct_asym.entity_id 
_struct_asym.details 
A N N 1 ? 
B N N 1 ? 
C N N 1 ? 
D N N 1 ? 
E N N 2 ? 
F N N 2 ? 
G N N 2 ? 
H N N 2 ? 
# 
loop_
_struct_biol.id 
_struct_biol.details 
_struct_biol.pdbx_parent_biol_id 
1 'PNA double helix' ? 
2 ?                  ? 
# 
loop_
_struct_conn.id 
_struct_conn.conn_type_id 
_struct_conn.pdbx_leaving_atom_flag 
_struct_conn.pdbx_PDB_id 
_struct_conn.ptnr1_label_asym_id 
_struct_conn.ptnr1_label_comp_id 
_struct_conn.ptnr1_label_seq_id 
_struct_conn.ptnr1_label_atom_id 
_struct_conn.pdbx_ptnr1_label_alt_id 
_struct_conn.pdbx_ptnr1_PDB_ins_code 
_struct_conn.pdbx_ptnr1_standard_comp_id 
_struct_conn.ptnr1_symmetry 
_struct_conn.ptnr2_label_asym_id 
_struct_conn.ptnr2_label_comp_id 
_struct_conn.ptnr2_label_seq_id 
_struct_conn.ptnr2_label_atom_id 
_struct_conn.pdbx_ptnr2_label_alt_id 
_struct_conn.pdbx_ptnr2_PDB_ins_code 
_struct_conn.ptnr1_auth_asym_id 
_struct_conn.ptnr1_auth_comp_id 
_struct_conn.ptnr1_auth_seq_id 
_struct_conn.ptnr2_auth_asym_id 
_struct_conn.ptnr2_auth_comp_id 
_struct_conn.ptnr2_auth_seq_id 
_struct_conn.ptnr2_symmetry 
_struct_conn.pdbx_ptnr3_label_atom_id 
_struct_conn.pdbx_ptnr3_label_seq_id 
_struct_conn.pdbx_ptnr3_label_comp_id 
_struct_conn.pdbx_ptnr3_label_asym_id 
_struct_conn.pdbx_ptnr3_label_alt_id 
_struct_conn.pdbx_ptnr3_PDB_ins_code 
_struct_conn.details 
_struct_conn.pdbx_dist_value 
_struct_conn.pdbx_value_order 
_struct_conn.pdbx_role 
covale1  covale one  ? A GPN 1 C    ? ? ? 1_555 A OPN 2 "N1'" ? ? A GPN 1  A OPN 2  1_555 ? ? ? ? ? ? ?            1.339 ? ? 
covale2  covale both ? A OPN 2 "C'" ? ? ? 1_555 A APN 3 N     ? ? A OPN 2  A APN 3  1_555 ? ? ? ? ? ? ?            1.343 ? ? 
covale3  covale both ? A APN 3 C    ? ? ? 1_555 A TPN 4 N     ? ? A APN 3  A TPN 4  1_555 ? ? ? ? ? ? ?            1.336 ? ? 
covale4  covale both ? A TPN 4 C    ? ? ? 1_555 A APN 5 N     ? ? A TPN 4  A APN 5  1_555 ? ? ? ? ? ? ?            1.327 ? ? 
covale5  covale both ? A APN 5 C    ? ? ? 1_555 A CPN 6 N     ? ? A APN 5  A CPN 6  1_555 ? ? ? ? ? ? ?            1.334 ? ? 
covale6  covale both ? A CPN 6 C    ? ? ? 1_555 A LYS 7 N     ? ? A CPN 6  A LYS 7  1_555 ? ? ? ? ? ? ?            1.340 ? ? 
covale7  covale both ? A LYS 7 C    ? ? ? 1_555 A NH2 8 N     ? ? A LYS 7  A NH2 8  1_555 ? ? ? ? ? ? ?            1.335 ? ? 
covale8  covale one  ? B GPN 1 C    ? ? ? 1_555 B OPN 2 "N1'" ? ? B GPN 9  B OPN 10 1_555 ? ? ? ? ? ? ?            1.340 ? ? 
covale9  covale both ? B OPN 2 "C'" ? ? ? 1_555 B APN 3 N     ? ? B OPN 10 B APN 11 1_555 ? ? ? ? ? ? ?            1.340 ? ? 
covale10 covale both ? B APN 3 C    ? ? ? 1_555 B TPN 4 N     ? ? B APN 11 B TPN 12 1_555 ? ? ? ? ? ? ?            1.344 ? ? 
covale11 covale both ? B TPN 4 C    ? ? ? 1_555 B APN 5 N     ? ? B TPN 12 B APN 13 1_555 ? ? ? ? ? ? ?            1.338 ? ? 
covale12 covale both ? B APN 5 C    ? ? ? 1_555 B CPN 6 N     ? ? B APN 13 B CPN 14 1_555 ? ? ? ? ? ? ?            1.334 ? ? 
covale13 covale both ? B CPN 6 C    ? ? ? 1_555 B LYS 7 N     ? ? B CPN 14 B LYS 15 1_555 ? ? ? ? ? ? ?            1.324 ? ? 
covale14 covale both ? B LYS 7 C    ? ? ? 1_555 B NH2 8 N     ? ? B LYS 15 B NH2 16 1_555 ? ? ? ? ? ? ?            1.337 ? ? 
covale15 covale one  ? C GPN 1 C    ? ? ? 1_555 C OPN 2 "N1'" ? ? C GPN 17 C OPN 18 1_555 ? ? ? ? ? ? ?            1.348 ? ? 
covale16 covale both ? C OPN 2 "C'" ? ? ? 1_555 C APN 3 N     ? ? C OPN 18 C APN 19 1_555 ? ? ? ? ? ? ?            1.333 ? ? 
covale17 covale both ? C APN 3 C    ? ? ? 1_555 C TPN 4 N     ? ? C APN 19 C TPN 20 1_555 ? ? ? ? ? ? ?            1.334 ? ? 
covale18 covale both ? C TPN 4 C    ? ? ? 1_555 C APN 5 N     ? ? C TPN 20 C APN 21 1_555 ? ? ? ? ? ? ?            1.338 ? ? 
covale19 covale both ? C APN 5 C    ? ? ? 1_555 C CPN 6 N     ? ? C APN 21 C CPN 22 1_555 ? ? ? ? ? ? ?            1.325 ? ? 
covale20 covale both ? C CPN 6 C    ? ? ? 1_555 C LYS 7 N     ? ? C CPN 22 C LYS 23 1_555 ? ? ? ? ? ? ?            1.324 ? ? 
covale21 covale both ? C LYS 7 C    ? ? ? 1_555 C NH2 8 N     ? ? C LYS 23 C NH2 24 1_555 ? ? ? ? ? ? ?            1.323 ? ? 
covale22 covale one  ? D GPN 1 C    ? ? ? 1_555 D OPN 2 "N1'" ? ? D GPN 25 D OPN 26 1_555 ? ? ? ? ? ? ?            1.336 ? ? 
covale23 covale both ? D OPN 2 "C'" ? ? ? 1_555 D APN 3 N     ? ? D OPN 26 D APN 27 1_555 ? ? ? ? ? ? ?            1.336 ? ? 
covale24 covale both ? D APN 3 C    ? ? ? 1_555 D TPN 4 N     ? ? D APN 27 D TPN 28 1_555 ? ? ? ? ? ? ?            1.336 ? ? 
covale25 covale both ? D TPN 4 C    ? ? ? 1_555 D APN 5 N     ? ? D TPN 28 D APN 29 1_555 ? ? ? ? ? ? ?            1.323 ? ? 
covale26 covale both ? D APN 5 C    ? ? ? 1_555 D CPN 6 N     ? ? D APN 29 D CPN 30 1_555 ? ? ? ? ? ? ?            1.358 ? ? 
covale27 covale both ? D CPN 6 C    ? ? ? 1_555 D LYS 7 N     ? ? D CPN 30 D LYS 31 1_555 ? ? ? ? ? ? ?            1.350 ? ? 
covale28 covale both ? D LYS 7 C    ? ? ? 1_555 D NH2 8 N     ? ? D LYS 31 D NH2 32 1_555 ? ? ? ? ? ? ?            1.328 ? ? 
hydrog1  hydrog ?    ? A GPN 1 N1   ? ? ? 1_555 B CPN 6 N3    ? ? A GPN 1  B CPN 14 1_555 ? ? ? ? ? ? WATSON-CRICK ?     ? ? 
hydrog2  hydrog ?    ? A GPN 1 N2   ? ? ? 1_555 B CPN 6 O2    ? ? A GPN 1  B CPN 14 1_555 ? ? ? ? ? ? WATSON-CRICK ?     ? ? 
hydrog3  hydrog ?    ? A GPN 1 O6   ? ? ? 1_555 B CPN 6 N4    ? ? A GPN 1  B CPN 14 1_555 ? ? ? ? ? ? WATSON-CRICK ?     ? ? 
hydrog4  hydrog ?    ? A APN 3 N1   ? ? ? 1_555 B TPN 4 N3    ? ? A APN 3  B TPN 12 1_555 ? ? ? ? ? ? WATSON-CRICK ?     ? ? 
hydrog5  hydrog ?    ? A APN 3 N6   ? ? ? 1_555 B TPN 4 O4    ? ? A APN 3  B TPN 12 1_555 ? ? ? ? ? ? WATSON-CRICK ?     ? ? 
hydrog6  hydrog ?    ? A TPN 4 N3   ? ? ? 1_555 B APN 3 N1    ? ? A TPN 4  B APN 11 1_555 ? ? ? ? ? ? WATSON-CRICK ?     ? ? 
hydrog7  hydrog ?    ? A TPN 4 O4   ? ? ? 1_555 B APN 3 N6    ? ? A TPN 4  B APN 11 1_555 ? ? ? ? ? ? WATSON-CRICK ?     ? ? 
hydrog8  hydrog ?    ? A CPN 6 N3   ? ? ? 1_555 B GPN 1 N1    ? ? A CPN 6  B GPN 9  1_555 ? ? ? ? ? ? WATSON-CRICK ?     ? ? 
hydrog9  hydrog ?    ? A CPN 6 N4   ? ? ? 1_555 B GPN 1 O6    ? ? A CPN 6  B GPN 9  1_555 ? ? ? ? ? ? WATSON-CRICK ?     ? ? 
hydrog10 hydrog ?    ? A CPN 6 O2   ? ? ? 1_555 B GPN 1 N2    ? ? A CPN 6  B GPN 9  1_555 ? ? ? ? ? ? WATSON-CRICK ?     ? ? 
hydrog11 hydrog ?    ? C GPN 1 N1   ? ? ? 1_555 D CPN 6 N3    ? ? C GPN 17 D CPN 30 1_555 ? ? ? ? ? ? WATSON-CRICK ?     ? ? 
hydrog12 hydrog ?    ? C GPN 1 N2   ? ? ? 1_555 D CPN 6 O2    ? ? C GPN 17 D CPN 30 1_555 ? ? ? ? ? ? WATSON-CRICK ?     ? ? 
hydrog13 hydrog ?    ? C GPN 1 O6   ? ? ? 1_555 D CPN 6 N4    ? ? C GPN 17 D CPN 30 1_555 ? ? ? ? ? ? WATSON-CRICK ?     ? ? 
hydrog14 hydrog ?    ? C APN 3 N1   ? ? ? 1_555 D TPN 4 N3    ? ? C APN 19 D TPN 28 1_555 ? ? ? ? ? ? WATSON-CRICK ?     ? ? 
hydrog15 hydrog ?    ? C APN 3 N6   ? ? ? 1_555 D TPN 4 O4    ? ? C APN 19 D TPN 28 1_555 ? ? ? ? ? ? WATSON-CRICK ?     ? ? 
hydrog16 hydrog ?    ? C TPN 4 N3   ? ? ? 1_555 D APN 3 N1    ? ? C TPN 20 D APN 27 1_555 ? ? ? ? ? ? WATSON-CRICK ?     ? ? 
hydrog17 hydrog ?    ? C TPN 4 O4   ? ? ? 1_555 D APN 3 N6    ? ? C TPN 20 D APN 27 1_555 ? ? ? ? ? ? WATSON-CRICK ?     ? ? 
hydrog18 hydrog ?    ? C CPN 6 N3   ? ? ? 1_555 D GPN 1 N1    ? ? C CPN 22 D GPN 25 1_555 ? ? ? ? ? ? WATSON-CRICK ?     ? ? 
hydrog19 hydrog ?    ? C CPN 6 N4   ? ? ? 1_555 D GPN 1 O6    ? ? C CPN 22 D GPN 25 1_555 ? ? ? ? ? ? WATSON-CRICK ?     ? ? 
hydrog20 hydrog ?    ? C CPN 6 O2   ? ? ? 1_555 D GPN 1 N2    ? ? C CPN 22 D GPN 25 1_555 ? ? ? ? ? ? WATSON-CRICK ?     ? ? 
# 
loop_
_struct_conn_type.id 
_struct_conn_type.criteria 
_struct_conn_type.reference 
covale ? ? 
hydrog ? ? 
# 
loop_
_struct_site.id 
_struct_site.pdbx_evidence_code 
_struct_site.pdbx_auth_asym_id 
_struct_site.pdbx_auth_comp_id 
_struct_site.pdbx_auth_seq_id 
_struct_site.pdbx_auth_ins_code 
_struct_site.pdbx_num_residues 
_struct_site.details 
AC1 Software A NH2 8  ? 1 'BINDING SITE FOR RESIDUE NH2 A 8'  
AC2 Software B NH2 16 ? 1 'BINDING SITE FOR RESIDUE NH2 B 16' 
AC3 Software C NH2 24 ? 1 'BINDING SITE FOR RESIDUE NH2 C 24' 
AC4 Software D NH2 32 ? 2 'BINDING SITE FOR RESIDUE NH2 D 32' 
# 
loop_
_struct_site_gen.id 
_struct_site_gen.site_id 
_struct_site_gen.pdbx_num_res 
_struct_site_gen.label_comp_id 
_struct_site_gen.label_asym_id 
_struct_site_gen.label_seq_id 
_struct_site_gen.pdbx_auth_ins_code 
_struct_site_gen.auth_comp_id 
_struct_site_gen.auth_asym_id 
_struct_site_gen.auth_seq_id 
_struct_site_gen.label_atom_id 
_struct_site_gen.label_alt_id 
_struct_site_gen.symmetry 
_struct_site_gen.details 
1 AC1 1 LYS A 7 ? LYS A 7  . ? 1_555 ? 
2 AC2 1 LYS B 7 ? LYS B 15 . ? 1_555 ? 
3 AC3 1 LYS C 7 ? LYS C 23 . ? 1_555 ? 
4 AC4 2 CPN D 6 ? CPN D 30 . ? 1_555 ? 
5 AC4 2 LYS D 7 ? LYS D 31 . ? 1_555 ? 
# 
_atom_sites.entry_id                    1HZS 
_atom_sites.fract_transf_matrix[1][1]   0.01840974 
_atom_sites.fract_transf_matrix[1][2]   -0.02723052 
_atom_sites.fract_transf_matrix[1][3]   0.00243759 
_atom_sites.fract_transf_matrix[2][1]   0.01841708 
_atom_sites.fract_transf_matrix[2][2]   0.01227113 
_atom_sites.fract_transf_matrix[2][3]   -0.00201199 
_atom_sites.fract_transf_matrix[3][1]   0.00068917 
_atom_sites.fract_transf_matrix[3][2]   0.00226995 
_atom_sites.fract_transf_matrix[3][3]   0.02015286 
_atom_sites.fract_transf_vector[1]      0.065805 
_atom_sites.fract_transf_vector[2]      0.242720 
_atom_sites.fract_transf_vector[3]      0.429282 
# 
loop_
_atom_type.symbol 
C 
N 
O 
# 
loop_
_atom_site.group_PDB 
_atom_site.id 
_atom_site.type_symbol 
_atom_site.label_atom_id 
_atom_site.label_alt_id 
_atom_site.label_comp_id 
_atom_site.label_asym_id 
_atom_site.label_entity_id 
_atom_site.label_seq_id 
_atom_site.pdbx_PDB_ins_code 
_atom_site.Cartn_x 
_atom_site.Cartn_y 
_atom_site.Cartn_z 
_atom_site.occupancy 
_atom_site.B_iso_or_equiv 
_atom_site.pdbx_formal_charge 
_atom_site.auth_seq_id 
_atom_site.auth_comp_id 
_atom_site.auth_asym_id 
_atom_site.auth_atom_id 
_atom_site.pdbx_PDB_model_num 
HETATM 1   C "C8'" . GPN A 1 1 ? -1.067  1.826   -25.564 1.00 19.33 ? 1   GPN A "C8'" 1 
HETATM 2   C "C7'" . GPN A 1 1 ? -1.924  2.771   -24.754 1.00 22.01 ? 1   GPN A "C7'" 1 
HETATM 3   O "O7'" . GPN A 1 1 ? -1.735  2.897   -23.527 1.00 22.73 ? 1   GPN A "O7'" 1 
HETATM 4   C "C5'" . GPN A 1 1 ? -3.728  4.432   -24.617 1.00 24.09 ? 1   GPN A "C5'" 1 
HETATM 5   C C     . GPN A 1 1 ? -5.177  4.019   -24.394 1.00 23.57 ? 1   GPN A C     1 
HETATM 6   O O     . GPN A 1 1 ? -5.975  4.888   -24.047 1.00 26.62 ? 1   GPN A O     1 
HETATM 7   N "N4'" . GPN A 1 1 ? -2.894  3.458   -25.376 1.00 25.07 ? 1   GPN A "N4'" 1 
HETATM 8   C "C3'" . GPN A 1 1 ? -3.174  3.278   -26.785 1.00 28.09 ? 1   GPN A "C3'" 1 
HETATM 9   C "C2'" . GPN A 1 1 ? -3.125  4.578   -27.606 1.00 29.93 ? 1   GPN A "C2'" 1 
HETATM 10  N N     . GPN A 1 1 ? -1.899  5.315   -27.371 1.00 29.03 ? 1   GPN A N     1 
HETATM 11  N N9    . GPN A 1 1 ? -0.209  1.059   -24.652 1.00 15.91 ? 1   GPN A N9    1 
HETATM 12  C C8    . GPN A 1 1 ? 1.085   1.288   -24.259 1.00 14.91 ? 1   GPN A C8    1 
HETATM 13  N N7    . GPN A 1 1 ? 1.535   0.406   -23.424 1.00 15.94 ? 1   GPN A N7    1 
HETATM 14  C C5    . GPN A 1 1 ? 0.468   -0.474  -23.243 1.00 13.46 ? 1   GPN A C5    1 
HETATM 15  C C6    . GPN A 1 1 ? 0.374   -1.644  -22.438 1.00 10.45 ? 1   GPN A C6    1 
HETATM 16  O O6    . GPN A 1 1 ? 1.245   -2.124  -21.719 1.00 10.57 ? 1   GPN A O6    1 
HETATM 17  N N1    . GPN A 1 1 ? -0.873  -2.248  -22.546 1.00 8.26  ? 1   GPN A N1    1 
HETATM 18  C C2    . GPN A 1 1 ? -1.907  -1.779  -23.325 1.00 7.88  ? 1   GPN A C2    1 
HETATM 19  N N2    . GPN A 1 1 ? -3.058  -2.463  -23.306 1.00 9.25  ? 1   GPN A N2    1 
HETATM 20  N N3    . GPN A 1 1 ? -1.821  -0.684  -24.085 1.00 10.96 ? 1   GPN A N3    1 
HETATM 21  C C4    . GPN A 1 1 ? -0.604  -0.085  -23.995 1.00 12.51 ? 1   GPN A C4    1 
HETATM 22  N "N1'" . OPN A 1 2 ? -5.560  2.746   -24.556 1.00 24.12 ? 2   OPN A "N1'" 1 
HETATM 23  C "C2'" . OPN A 1 2 ? -6.966  2.383   -24.378 1.00 22.63 ? 2   OPN A "C2'" 1 
HETATM 24  C "C3'" . OPN A 1 2 ? -7.232  1.429   -23.207 1.00 20.69 ? 2   OPN A "C3'" 1 
HETATM 25  N "N4'" . OPN A 1 2 ? -6.733  2.018   -21.955 1.00 17.72 ? 2   OPN A "N4'" 1 
HETATM 26  C "C5'" . OPN A 1 2 ? -7.602  3.024   -21.368 1.00 16.70 ? 2   OPN A "C5'" 1 
HETATM 27  C "C'"  . OPN A 1 2 ? -8.689  2.451   -20.463 1.00 13.67 ? 2   OPN A "C'"  1 
HETATM 28  O "O1'" . OPN A 1 2 ? -9.359  3.245   -19.811 1.00 12.23 ? 2   OPN A "O1'" 1 
HETATM 29  C "C7'" . OPN A 1 2 ? -5.624  1.610   -21.345 1.00 18.28 ? 2   OPN A "C7'" 1 
HETATM 30  O "O7'" . OPN A 1 2 ? -5.275  2.108   -20.276 1.00 18.69 ? 2   OPN A "O7'" 1 
HETATM 31  C "C8'" . OPN A 1 2 ? -4.838  0.479   -21.983 1.00 16.23 ? 2   OPN A "C8'" 1 
HETATM 32  C C1    . OPN A 1 2 ? -3.725  0.009   -21.089 1.00 15.48 ? 2   OPN A C1    1 
HETATM 33  C C6    . OPN A 1 2 ? -2.595  0.715   -21.096 1.00 14.63 ? 2   OPN A C6    1 
HETATM 34  C C2    . OPN A 1 2 ? -3.882  -1.171  -20.247 1.00 15.42 ? 2   OPN A C2    1 
HETATM 35  O O2    . OPN A 1 2 ? -4.893  -1.880  -20.172 1.00 15.68 ? 2   OPN A O2    1 
HETATM 36  N N3    . OPN A 1 2 ? -2.796  -1.524  -19.472 1.00 12.53 ? 2   OPN A N3    1 
HETATM 37  C C4    . OPN A 1 2 ? -1.617  -0.836  -19.441 1.00 13.53 ? 2   OPN A C4    1 
HETATM 38  C C5    . OPN A 1 2 ? -1.489  0.287   -20.245 1.00 13.57 ? 2   OPN A C5    1 
HETATM 39  C C7    . OPN A 1 2 ? -0.289  0.974   -20.209 1.00 14.39 ? 2   OPN A C7    1 
HETATM 40  C C8    . OPN A 1 2 ? 0.798   0.624   -19.433 1.00 15.25 ? 2   OPN A C8    1 
HETATM 41  C C9    . OPN A 1 2 ? 0.609   -0.524  -18.640 1.00 15.60 ? 2   OPN A C9    1 
HETATM 42  N N10   . OPN A 1 2 ? -0.567  -1.210  -18.671 1.00 12.45 ? 2   OPN A N10   1 
HETATM 43  C "C8'" . APN A 1 3 ? -6.742  -0.205  -17.953 1.00 5.81  ? 3   APN A "C8'" 1 
HETATM 44  C "C7'" . APN A 1 3 ? -7.833  0.305   -17.015 1.00 8.84  ? 3   APN A "C7'" 1 
HETATM 45  O "O7'" . APN A 1 3 ? -7.559  0.831   -15.933 1.00 10.84 ? 3   APN A "O7'" 1 
HETATM 46  C "C5'" . APN A 1 3 ? -10.217 0.779   -16.588 1.00 9.50  ? 3   APN A "C5'" 1 
HETATM 47  C C     . APN A 1 3 ? -10.976 -0.167  -15.654 1.00 8.73  ? 3   APN A C     1 
HETATM 48  O O     . APN A 1 3 ? -11.900 0.280   -14.974 1.00 9.87  ? 3   APN A O     1 
HETATM 49  N "N4'" . APN A 1 3 ? -9.112  0.190   -17.370 1.00 9.40  ? 3   APN A "N4'" 1 
HETATM 50  C "C3'" . APN A 1 3 ? -9.543  -0.514  -18.577 1.00 11.87 ? 3   APN A "C3'" 1 
HETATM 51  C "C2'" . APN A 1 3 ? -9.980  0.542   -19.614 1.00 12.77 ? 3   APN A "C2'" 1 
HETATM 52  N N     . APN A 1 3 ? -8.867  1.124   -20.358 1.00 13.14 ? 3   APN A N     1 
HETATM 53  N N9    . APN A 1 3 ? -5.414  -0.175  -17.328 1.00 9.36  ? 3   APN A N9    1 
HETATM 54  C C8    . APN A 1 3 ? -4.382  0.732   -17.473 1.00 7.32  ? 3   APN A C8    1 
HETATM 55  N N7    . APN A 1 3 ? -3.335  0.426   -16.755 1.00 9.45  ? 3   APN A N7    1 
HETATM 56  C C5    . APN A 1 3 ? -3.698  -0.751  -16.098 1.00 8.05  ? 3   APN A C5    1 
HETATM 57  C C6    . APN A 1 3 ? -3.026  -1.567  -15.183 1.00 8.16  ? 3   APN A C6    1 
HETATM 58  N N6    . APN A 1 3 ? -1.780  -1.298  -14.771 1.00 6.71  ? 3   APN A N6    1 
HETATM 59  N N1    . APN A 1 3 ? -3.708  -2.658  -14.734 1.00 7.82  ? 3   APN A N1    1 
HETATM 60  C C2    . APN A 1 3 ? -4.954  -2.905  -15.153 1.00 5.85  ? 3   APN A C2    1 
HETATM 61  N N3    . APN A 1 3 ? -5.679  -2.208  -16.007 1.00 4.92  ? 3   APN A N3    1 
HETATM 62  C C4    . APN A 1 3 ? -4.974  -1.125  -16.438 1.00 7.56  ? 3   APN A C4    1 
HETATM 63  C "C8'" . TPN A 1 4 ? -7.769  -1.988  -13.099 1.00 5.12  ? 4   TPN A "C8'" 1 
HETATM 64  C "C7'" . TPN A 1 4 ? -8.942  -1.496  -12.311 1.00 7.50  ? 4   TPN A "C7'" 1 
HETATM 65  O "O7'" . TPN A 1 4 ? -8.750  -0.657  -11.426 1.00 10.13 ? 4   TPN A "O7'" 1 
HETATM 66  C "C5'" . TPN A 1 4 ? -11.316 -1.578  -11.772 1.00 11.28 ? 4   TPN A "C5'" 1 
HETATM 67  C C     . TPN A 1 4 ? -11.282 -2.378  -10.475 1.00 14.15 ? 4   TPN A C     1 
HETATM 68  O O     . TPN A 1 4 ? -10.763 -3.499  -10.456 1.00 16.41 ? 4   TPN A O     1 
HETATM 69  N "N4'" . TPN A 1 4 ? -10.170 -1.983  -12.582 1.00 10.36 ? 4   TPN A "N4'" 1 
HETATM 70  C "C3'" . TPN A 1 4 ? -10.448 -3.019  -13.600 1.00 6.63  ? 4   TPN A "C3'" 1 
HETATM 71  C "C2'" . TPN A 1 4 ? -11.293 -2.416  -14.738 1.00 6.75  ? 4   TPN A "C2'" 1 
HETATM 72  N N     . TPN A 1 4 ? -10.592 -1.444  -15.565 1.00 6.90  ? 4   TPN A N     1 
HETATM 73  N N1    . TPN A 1 4 ? -6.475  -1.377  -12.713 1.00 4.35  ? 4   TPN A N1    1 
HETATM 74  C C6    . TPN A 1 4 ? -5.954  -0.261  -13.289 1.00 2.00  ? 4   TPN A C6    1 
HETATM 75  C C2    . TPN A 1 4 ? -5.766  -2.037  -11.712 1.00 3.00  ? 4   TPN A C2    1 
HETATM 76  O O2    . TPN A 1 4 ? -6.169  -3.038  -11.133 1.00 4.18  ? 4   TPN A O2    1 
HETATM 77  N N3    . TPN A 1 4 ? -4.538  -1.536  -11.356 1.00 4.65  ? 4   TPN A N3    1 
HETATM 78  C C4    . TPN A 1 4 ? -3.967  -0.411  -11.902 1.00 4.94  ? 4   TPN A C4    1 
HETATM 79  O O4    . TPN A 1 4 ? -2.869  -0.041  -11.523 1.00 7.20  ? 4   TPN A O4    1 
HETATM 80  C C5    . TPN A 1 4 ? -4.761  0.240   -12.927 1.00 4.00  ? 4   TPN A C5    1 
HETATM 81  C C5M   . TPN A 1 4 ? -4.245  1.527   -13.634 1.00 2.00  ? 4   TPN A C5M   1 
HETATM 82  C "C8'" . APN A 1 5 ? -8.043  -1.745  -8.409  1.00 8.29  ? 5   APN A "C8'" 1 
HETATM 83  C "C7'" . APN A 1 5 ? -8.793  -1.342  -7.150  1.00 12.67 ? 5   APN A "C7'" 1 
HETATM 84  O "O7'" . APN A 1 5 ? -8.399  -0.395  -6.464  1.00 13.13 ? 5   APN A "O7'" 1 
HETATM 85  C "C5'" . APN A 1 5 ? -10.729 -1.613  -5.677  1.00 18.91 ? 5   APN A "C5'" 1 
HETATM 86  C C     . APN A 1 5 ? -10.260 -2.017  -4.292  1.00 19.61 ? 5   APN A C     1 
HETATM 87  O O     . APN A 1 5 ? -10.731 -1.356  -3.359  1.00 23.59 ? 5   APN A O     1 
HETATM 88  N "N4'" . APN A 1 5 ? -9.897  -2.007  -6.796  1.00 16.35 ? 5   APN A "N4'" 1 
HETATM 89  C "C3'" . APN A 1 5 ? -10.443 -3.128  -7.543  1.00 19.06 ? 5   APN A "C3'" 1 
HETATM 90  C "C2'" . APN A 1 5 ? -11.804 -2.663  -8.143  1.00 19.24 ? 5   APN A "C2'" 1 
HETATM 91  N N     . APN A 1 5 ? -11.771 -1.848  -9.361  1.00 16.62 ? 5   APN A N     1 
HETATM 92  N N9    . APN A 1 5 ? -6.791  -0.963  -8.492  1.00 6.33  ? 5   APN A N9    1 
HETATM 93  C C8    . APN A 1 5 ? -6.521  0.139   -9.233  1.00 4.86  ? 5   APN A C8    1 
HETATM 94  N N7    . APN A 1 5 ? -5.314  0.575   -9.058  1.00 4.69  ? 5   APN A N7    1 
HETATM 95  C C5    . APN A 1 5 ? -4.754  -0.292  -8.147  1.00 4.45  ? 5   APN A C5    1 
HETATM 96  C C6    . APN A 1 5 ? -3.492  -0.350  -7.549  1.00 3.84  ? 5   APN A C6    1 
HETATM 97  N N6    . APN A 1 5 ? -2.520  0.519   -7.830  1.00 2.44  ? 5   APN A N6    1 
HETATM 98  N N1    . APN A 1 5 ? -3.276  -1.338  -6.667  1.00 3.97  ? 5   APN A N1    1 
HETATM 99  C C2    . APN A 1 5 ? -4.246  -2.214  -6.394  1.00 5.37  ? 5   APN A C2    1 
HETATM 100 N N3    . APN A 1 5 ? -5.477  -2.254  -6.888  1.00 5.83  ? 5   APN A N3    1 
HETATM 101 C C4    . APN A 1 5 ? -5.655  -1.241  -7.780  1.00 4.96  ? 5   APN A C4    1 
HETATM 102 C "C8'" . CPN A 1 6 ? -6.250  -1.106  -3.719  1.00 14.60 ? 6   CPN A "C8'" 1 
HETATM 103 C "C7'" . CPN A 1 6 ? -6.996  -0.565  -2.496  1.00 17.80 ? 6   CPN A "C7'" 1 
HETATM 104 O "O7'" . CPN A 1 6 ? -6.913  0.619   -2.149  1.00 17.04 ? 6   CPN A "O7'" 1 
HETATM 105 C "C5'" . CPN A 1 6 ? -8.540  -1.050  -0.653  1.00 24.28 ? 6   CPN A "C5'" 1 
HETATM 106 C C     . CPN A 1 6 ? -7.789  -1.260  0.661   1.00 29.82 ? 6   CPN A C     1 
HETATM 107 O O     . CPN A 1 6 ? -6.557  -1.224  0.737   1.00 28.13 ? 6   CPN A O     1 
HETATM 108 N "N4'" . CPN A 1 6 ? -7.747  -1.435  -1.815  1.00 20.29 ? 6   CPN A "N4'" 1 
HETATM 109 C "C3'" . CPN A 1 6 ? -7.755  -2.873  -2.115  1.00 19.75 ? 6   CPN A "C3'" 1 
HETATM 110 C "C2'" . CPN A 1 6 ? -9.093  -3.362  -2.677  1.00 19.58 ? 6   CPN A "C2'" 1 
HETATM 111 N N     . CPN A 1 6 ? -9.400  -3.011  -4.060  1.00 17.80 ? 6   CPN A N     1 
HETATM 112 N N1    . CPN A 1 6 ? -5.256  -0.097  -4.075  1.00 12.07 ? 6   CPN A N1    1 
HETATM 113 C C2    . CPN A 1 6 ? -4.039  -0.193  -3.399  1.00 12.32 ? 6   CPN A C2    1 
HETATM 114 N N3    . CPN A 1 6 ? -3.076  0.715   -3.665  1.00 12.18 ? 6   CPN A N3    1 
HETATM 115 C C4    . CPN A 1 6 ? -3.293  1.688   -4.557  1.00 13.13 ? 6   CPN A C4    1 
HETATM 116 C C5    . CPN A 1 6 ? -4.531  1.806   -5.261  1.00 13.21 ? 6   CPN A C5    1 
HETATM 117 C C6    . CPN A 1 6 ? -5.474  0.888   -4.984  1.00 12.04 ? 6   CPN A C6    1 
HETATM 118 O O2    . CPN A 1 6 ? -3.845  -1.083  -2.572  1.00 14.32 ? 6   CPN A O2    1 
HETATM 119 N N4    . CPN A 1 6 ? -2.337  2.563   -4.824  1.00 15.00 ? 6   CPN A N4    1 
ATOM   120 N N     . LYS A 1 7 ? -8.596  -1.494  1.705   1.00 34.99 ? 7   LYS A N     1 
ATOM   121 C CA    . LYS A 1 7 ? -8.202  -1.742  3.101   1.00 40.20 ? 7   LYS A CA    1 
ATOM   122 C C     . LYS A 1 7 ? -7.398  -3.036  3.257   1.00 43.16 ? 7   LYS A C     1 
ATOM   123 O O     . LYS A 1 7 ? -6.891  -3.557  2.271   1.00 46.93 ? 7   LYS A O     1 
ATOM   124 C CB    . LYS A 1 7 ? -9.501  -1.789  3.920   1.00 40.48 ? 7   LYS A CB    1 
ATOM   125 C CG    . LYS A 1 7 ? -9.558  -1.714  5.451   1.00 43.33 ? 7   LYS A CG    1 
ATOM   126 C CD    . LYS A 1 7 ? -10.764 -0.915  6.009   1.00 48.10 ? 7   LYS A CD    1 
ATOM   127 C CE    . LYS A 1 7 ? -12.128 -1.639  6.035   1.00 51.32 ? 7   LYS A CE    1 
ATOM   128 N NZ    . LYS A 1 7 ? -13.210 -0.830  5.477   1.00 54.85 ? 7   LYS A NZ    1 
HETATM 129 N N     . NH2 A 1 8 ? -7.254  -3.659  4.429   1.00 45.04 ? 8   NH2 A N     1 
HETATM 130 C "C8'" . GPN B 1 1 ? 3.764   -0.940  0.162   1.00 8.68  ? 9   GPN B "C8'" 1 
HETATM 131 C "C7'" . GPN B 1 1 ? 4.240   -2.242  -0.517  1.00 13.23 ? 9   GPN B "C7'" 1 
HETATM 132 O "O7'" . GPN B 1 1 ? 4.073   -2.392  -1.738  1.00 14.92 ? 9   GPN B "O7'" 1 
HETATM 133 C "C5'" . GPN B 1 1 ? 5.288   -4.447  -0.438  1.00 12.02 ? 9   GPN B "C5'" 1 
HETATM 134 C C     . GPN B 1 1 ? 4.241   -5.540  -0.601  1.00 10.65 ? 9   GPN B C     1 
HETATM 135 O O     . GPN B 1 1 ? 4.499   -6.509  -1.324  1.00 11.56 ? 9   GPN B O     1 
HETATM 136 N "N4'" . GPN B 1 1 ? 4.846   -3.213  0.197   1.00 13.43 ? 9   GPN B "N4'" 1 
HETATM 137 C "C3'" . GPN B 1 1 ? 5.178   -3.110  1.632   1.00 15.31 ? 9   GPN B "C3'" 1 
HETATM 138 C "C2'" . GPN B 1 1 ? 6.727   -3.117  1.817   1.00 15.58 ? 9   GPN B "C2'" 1 
HETATM 139 N N     . GPN B 1 1 ? 7.440   -2.339  0.802   1.00 20.12 ? 9   GPN B N     1 
HETATM 140 N N9    . GPN B 1 1 ? 3.166   -0.007  -0.798  1.00 6.93  ? 9   GPN B N9    1 
HETATM 141 C C8    . GPN B 1 1 ? 3.770   1.036   -1.448  1.00 6.39  ? 9   GPN B C8    1 
HETATM 142 N N7    . GPN B 1 1 ? 2.977   1.675   -2.256  1.00 6.40  ? 9   GPN B N7    1 
HETATM 143 C C5    . GPN B 1 1 ? 1.745   1.015   -2.139  1.00 6.29  ? 9   GPN B C5    1 
HETATM 144 C C6    . GPN B 1 1 ? 0.496   1.281   -2.785  1.00 6.28  ? 9   GPN B C6    1 
HETATM 145 O O6    . GPN B 1 1 ? 0.243   2.159   -3.615  1.00 6.74  ? 9   GPN B O6    1 
HETATM 146 N N1    . GPN B 1 1 ? -0.482  0.375   -2.393  1.00 4.84  ? 9   GPN B N1    1 
HETATM 147 C C2    . GPN B 1 1 ? -0.294  -0.649  -1.486  1.00 2.56  ? 9   GPN B C2    1 
HETATM 148 N N2    . GPN B 1 1 ? -1.364  -1.410  -1.235  1.00 6.78  ? 9   GPN B N2    1 
HETATM 149 N N3    . GPN B 1 1 ? 0.869   -0.891  -0.875  1.00 5.65  ? 9   GPN B N3    1 
HETATM 150 C C4    . GPN B 1 1 ? 1.843   -0.021  -1.251  1.00 5.26  ? 9   GPN B C4    1 
HETATM 151 N "N1'" . OPN B 1 2 ? 3.077   -5.397  0.047   1.00 8.27  ? 10  OPN B "N1'" 1 
HETATM 152 C "C2'" . OPN B 1 2 ? 2.052   -6.435  0.054   1.00 9.60  ? 10  OPN B "C2'" 1 
HETATM 153 C "C3'" . OPN B 1 2 ? 0.856   -6.241  -0.900  1.00 8.36  ? 10  OPN B "C3'" 1 
HETATM 154 N "N4'" . OPN B 1 2 ? 1.288   -6.345  -2.310  1.00 7.68  ? 10  OPN B "N4'" 1 
HETATM 155 C "C5'" . OPN B 1 2 ? 1.772   -7.652  -2.713  1.00 9.18  ? 10  OPN B "C5'" 1 
HETATM 156 C "C'"  . OPN B 1 2 ? 0.829   -8.430  -3.631  1.00 11.17 ? 10  OPN B "C'"  1 
HETATM 157 O "O1'" . OPN B 1 2 ? 1.308   -8.960  -4.633  1.00 12.47 ? 10  OPN B "O1'" 1 
HETATM 158 C "C7'" . OPN B 1 2 ? 1.239   -5.336  -3.192  1.00 7.49  ? 10  OPN B "C7'" 1 
HETATM 159 O "O7'" . OPN B 1 2 ? 1.548   -5.492  -4.378  1.00 8.50  ? 10  OPN B "O7'" 1 
HETATM 160 C "C8'" . OPN B 1 2 ? 0.756   -4.004  -2.682  1.00 6.30  ? 10  OPN B "C8'" 1 
HETATM 161 C C1    . OPN B 1 2 ? 0.597   -2.939  -3.720  1.00 5.52  ? 10  OPN B C1    1 
HETATM 162 C C6    . OPN B 1 2 ? 1.604   -2.087  -3.939  1.00 7.45  ? 10  OPN B C6    1 
HETATM 163 C C2    . OPN B 1 2 ? -0.652  -2.839  -4.443  1.00 6.07  ? 10  OPN B C2    1 
HETATM 164 O O2    . OPN B 1 2 ? -1.614  -3.586  -4.302  1.00 5.50  ? 10  OPN B O2    1 
HETATM 165 N N3    . OPN B 1 2 ? -0.763  -1.828  -5.365  1.00 8.20  ? 10  OPN B N3    1 
HETATM 166 C C4    . OPN B 1 2 ? 0.218   -0.935  -5.644  1.00 7.64  ? 10  OPN B C4    1 
HETATM 167 C C5    . OPN B 1 2 ? 1.420   -1.039  -4.947  1.00 8.91  ? 10  OPN B C5    1 
HETATM 168 C C7    . OPN B 1 2 ? 2.401   -0.119  -5.234  1.00 11.41 ? 10  OPN B C7    1 
HETATM 169 C C8    . OPN B 1 2 ? 2.276   0.899   -6.162  1.00 12.77 ? 10  OPN B C8    1 
HETATM 170 C C9    . OPN B 1 2 ? 1.038   0.953   -6.826  1.00 12.62 ? 10  OPN B C9    1 
HETATM 171 N N10   . OPN B 1 2 ? 0.057   0.047   -6.551  1.00 10.16 ? 10  OPN B N10   1 
HETATM 172 C "C8'" . APN B 1 3 ? -1.137  -6.265  -6.153  1.00 8.90  ? 11  APN B "C8'" 1 
HETATM 173 C "C7'" . APN B 1 3 ? -1.194  -7.551  -6.981  1.00 10.42 ? 11  APN B "C7'" 1 
HETATM 174 O "O7'" . APN B 1 3 ? -0.841  -7.544  -8.168  1.00 14.79 ? 11  APN B "O7'" 1 
HETATM 175 C "C5'" . APN B 1 3 ? -1.593  -9.950  -7.180  1.00 10.65 ? 11  APN B "C5'" 1 
HETATM 176 C C     . APN B 1 3 ? -2.898  -10.351 -7.856  1.00 13.21 ? 11  APN B C     1 
HETATM 177 O O     . APN B 1 3 ? -2.997  -11.490 -8.305  1.00 19.25 ? 11  APN B O     1 
HETATM 178 N "N4'" . APN B 1 3 ? -1.655  -8.685  -6.449  1.00 10.56 ? 11  APN B "N4'" 1 
HETATM 179 C "C3'" . APN B 1 3 ? -2.252  -8.757  -5.113  1.00 10.84 ? 11  APN B "C3'" 1 
HETATM 180 C "C2'" . APN B 1 3 ? -1.307  -9.459  -4.151  1.00 7.86  ? 11  APN B "C2'" 1 
HETATM 181 N N     . APN B 1 3 ? -0.486  -8.520  -3.393  1.00 12.79 ? 11  APN B N     1 
HETATM 182 N N9    . APN B 1 3 ? -0.747  -5.131  -7.016  1.00 8.33  ? 11  APN B N9    1 
HETATM 183 C C8    . APN B 1 3 ? 0.480   -4.539  -7.216  1.00 9.11  ? 11  APN B C8    1 
HETATM 184 N N7    . APN B 1 3 ? 0.459   -3.564  -8.079  1.00 8.09  ? 11  APN B N7    1 
HETATM 185 C C5    . APN B 1 3 ? -0.876  -3.513  -8.475  1.00 7.54  ? 11  APN B C5    1 
HETATM 186 C C6    . APN B 1 3 ? -1.565  -2.706  -9.387  1.00 6.80  ? 11  APN B C6    1 
HETATM 187 N N6    . APN B 1 3 ? -0.963  -1.738  -10.076 1.00 5.58  ? 11  APN B N6    1 
HETATM 188 N N1    . APN B 1 3 ? -2.879  -2.952  -9.538  1.00 4.69  ? 11  APN B N1    1 
HETATM 189 C C2    . APN B 1 3 ? -3.463  -3.911  -8.845  1.00 4.53  ? 11  APN B C2    1 
HETATM 190 N N3    . APN B 1 3 ? -2.926  -4.730  -7.969  1.00 4.08  ? 11  APN B N3    1 
HETATM 191 C C4    . APN B 1 3 ? -1.611  -4.470  -7.833  1.00 6.50  ? 11  APN B C4    1 
HETATM 192 C "C8'" . TPN B 1 4 ? -3.687  -7.100  -10.531 1.00 7.45  ? 12  TPN B "C8'" 1 
HETATM 193 C "C7'" . TPN B 1 4 ? -3.765  -8.406  -11.272 1.00 9.55  ? 12  TPN B "C7'" 1 
HETATM 194 O "O7'" . TPN B 1 4 ? -3.030  -8.623  -12.245 1.00 10.24 ? 12  TPN B "O7'" 1 
HETATM 195 C "C5'" . TPN B 1 4 ? -4.910  -10.527 -11.590 1.00 8.05  ? 12  TPN B "C5'" 1 
HETATM 196 C C     . TPN B 1 4 ? -5.891  -10.310 -12.752 1.00 7.87  ? 12  TPN B C     1 
HETATM 197 O O     . TPN B 1 4 ? -6.748  -9.430  -12.693 1.00 7.79  ? 12  TPN B O     1 
HETATM 198 N "N4'" . TPN B 1 4 ? -4.695  -9.280  -10.866 1.00 10.48 ? 12  TPN B "N4'" 1 
HETATM 199 C "C3'" . TPN B 1 4 ? -5.633  -9.019  -9.748  1.00 11.49 ? 12  TPN B "C3'" 1 
HETATM 200 C "C2'" . TPN B 1 4 ? -5.202  -9.847  -8.534  1.00 13.60 ? 12  TPN B "C2'" 1 
HETATM 201 N N     . TPN B 1 4 ? -3.908  -9.470  -7.958  1.00 12.25 ? 12  TPN B N     1 
HETATM 202 N N1    . TPN B 1 4 ? -2.803  -6.155  -11.249 1.00 7.84  ? 12  TPN B N1    1 
HETATM 203 C C6    . TPN B 1 4 ? -1.489  -6.054  -10.972 1.00 3.38  ? 12  TPN B C6    1 
HETATM 204 C C2    . TPN B 1 4 ? -3.392  -5.334  -12.231 1.00 7.22  ? 12  TPN B C2    1 
HETATM 205 O O2    . TPN B 1 4 ? -4.584  -5.369  -12.556 1.00 6.82  ? 12  TPN B O2    1 
HETATM 206 N N3    . TPN B 1 4 ? -2.537  -4.445  -12.863 1.00 7.91  ? 12  TPN B N3    1 
HETATM 207 C C4    . TPN B 1 4 ? -1.184  -4.302  -12.620 1.00 7.03  ? 12  TPN B C4    1 
HETATM 208 O O4    . TPN B 1 4 ? -0.536  -3.464  -13.238 1.00 9.11  ? 12  TPN B O4    1 
HETATM 209 C C5    . TPN B 1 4 ? -0.679  -5.187  -11.606 1.00 5.70  ? 12  TPN B C5    1 
HETATM 210 C C5M   . TPN B 1 4 ? 0.808   -5.158  -11.228 1.00 4.40  ? 12  TPN B C5M   1 
HETATM 211 C "C8'" . APN B 1 5 ? -4.366  -8.037  -15.279 1.00 6.56  ? 13  APN B "C8'" 1 
HETATM 212 C "C7'" . APN B 1 5 ? -4.380  -9.047  -16.438 1.00 9.47  ? 13  APN B "C7'" 1 
HETATM 213 O "O7'" . APN B 1 5 ? -3.385  -9.114  -17.163 1.00 6.56  ? 13  APN B "O7'" 1 
HETATM 214 C "C5'" . APN B 1 5 ? -5.374  -10.950 -17.678 1.00 11.08 ? 13  APN B "C5'" 1 
HETATM 215 C C     . APN B 1 5 ? -5.815  -10.636 -19.104 1.00 13.78 ? 13  APN B C     1 
HETATM 216 O O     . APN B 1 5 ? -5.445  -11.358 -20.045 1.00 14.24 ? 13  APN B O     1 
HETATM 217 N "N4'" . APN B 1 5 ? -5.426  -9.866  -16.686 1.00 10.23 ? 13  APN B "N4'" 1 
HETATM 218 C "C3'" . APN B 1 5 ? -6.682  -9.811  -15.938 1.00 9.17  ? 13  APN B "C3'" 1 
HETATM 219 C "C2'" . APN B 1 5 ? -6.709  -11.004 -14.975 1.00 7.09  ? 13  APN B "C2'" 1 
HETATM 220 N N     . APN B 1 5 ? -5.774  -11.061 -13.854 1.00 7.89  ? 13  APN B N     1 
HETATM 221 N N9    . APN B 1 5 ? -3.246  -7.103  -15.481 1.00 7.87  ? 13  APN B N9    1 
HETATM 222 C C8    . APN B 1 5 ? -1.997  -7.098  -14.934 1.00 7.21  ? 13  APN B C8    1 
HETATM 223 N N7    . APN B 1 5 ? -1.249  -6.119  -15.363 1.00 5.20  ? 13  APN B N7    1 
HETATM 224 C C5    . APN B 1 5 ? -2.057  -5.434  -16.249 1.00 4.32  ? 13  APN B C5    1 
HETATM 225 C C6    . APN B 1 5 ? -1.846  -4.295  -17.038 1.00 3.69  ? 13  APN B C6    1 
HETATM 226 N N6    . APN B 1 5 ? -0.709  -3.608  -17.058 1.00 7.52  ? 13  APN B N6    1 
HETATM 227 N N1    . APN B 1 5 ? -2.851  -3.886  -17.798 1.00 4.18  ? 13  APN B N1    1 
HETATM 228 C C2    . APN B 1 5 ? -3.996  -4.561  -17.776 1.00 5.51  ? 13  APN B C2    1 
HETATM 229 N N3    . APN B 1 5 ? -4.326  -5.645  -17.093 1.00 5.53  ? 13  APN B N3    1 
HETATM 230 C C4    . APN B 1 5 ? -3.281  -6.028  -16.332 1.00 5.76  ? 13  APN B C4    1 
HETATM 231 C "C8'" . CPN B 1 6 ? -4.035  -7.000  -20.230 1.00 12.94 ? 14  CPN B "C8'" 1 
HETATM 232 C "C7'" . CPN B 1 6 ? -4.104  -7.965  -21.375 1.00 15.36 ? 14  CPN B "C7'" 1 
HETATM 233 O "O7'" . CPN B 1 6 ? -3.056  -8.338  -21.910 1.00 17.04 ? 14  CPN B "O7'" 1 
HETATM 234 C "C5'" . CPN B 1 6 ? -5.446  -9.318  -22.900 1.00 20.30 ? 14  CPN B "C5'" 1 
HETATM 235 C C     . CPN B 1 6 ? -4.887  -8.853  -24.241 1.00 25.33 ? 14  CPN B C     1 
HETATM 236 O O     . CPN B 1 6 ? -4.995  -7.725  -24.703 1.00 23.95 ? 14  CPN B O     1 
HETATM 237 N "N4'" . CPN B 1 6 ? -5.301  -8.391  -21.806 1.00 16.98 ? 14  CPN B "N4'" 1 
HETATM 238 C "C3'" . CPN B 1 6 ? -6.616  -8.011  -21.257 1.00 15.52 ? 14  CPN B "C3'" 1 
HETATM 239 C "C2'" . CPN B 1 6 ? -7.179  -9.280  -20.608 1.00 13.16 ? 14  CPN B "C2'" 1 
HETATM 240 N N     . CPN B 1 6 ? -6.603  -9.578  -19.297 1.00 12.51 ? 14  CPN B N     1 
HETATM 241 N N1    . CPN B 1 6 ? -2.684  -6.407  -20.194 1.00 12.70 ? 14  CPN B N1    1 
HETATM 242 C C2    . CPN B 1 6 ? -2.477  -5.261  -20.991 1.00 10.93 ? 14  CPN B C2    1 
HETATM 243 N N3    . CPN B 1 6 ? -1.247  -4.670  -20.971 1.00 10.50 ? 14  CPN B N3    1 
HETATM 244 C C4    . CPN B 1 6 ? -0.254  -5.175  -20.212 1.00 11.67 ? 14  CPN B C4    1 
HETATM 245 C C5    . CPN B 1 6 ? -0.455  -6.347  -19.401 1.00 12.91 ? 14  CPN B C5    1 
HETATM 246 C C6    . CPN B 1 6 ? -1.682  -6.916  -19.426 1.00 12.48 ? 14  CPN B C6    1 
HETATM 247 O O2    . CPN B 1 6 ? -3.366  -4.805  -21.708 1.00 10.18 ? 14  CPN B O2    1 
HETATM 248 N N4    . CPN B 1 6 ? 0.938   -4.588  -20.187 1.00 10.53 ? 14  CPN B N4    1 
ATOM   249 N N     . LYS B 1 7 ? -4.456  -9.938  -24.865 1.00 29.72 ? 15  LYS B N     1 
ATOM   250 C CA    . LYS B 1 7 ? -3.757  -10.258 -26.094 1.00 35.34 ? 15  LYS B CA    1 
ATOM   251 C C     . LYS B 1 7 ? -4.547  -10.506 -27.387 1.00 37.91 ? 15  LYS B C     1 
ATOM   252 O O     . LYS B 1 7 ? -5.529  -9.820  -27.680 1.00 38.80 ? 15  LYS B O     1 
ATOM   253 C CB    . LYS B 1 7 ? -2.846  -11.458 -25.720 1.00 37.67 ? 15  LYS B CB    1 
ATOM   254 C CG    . LYS B 1 7 ? -2.897  -12.098 -24.290 1.00 41.15 ? 15  LYS B CG    1 
ATOM   255 C CD    . LYS B 1 7 ? -3.912  -13.255 -23.993 1.00 42.47 ? 15  LYS B CD    1 
ATOM   256 C CE    . LYS B 1 7 ? -5.416  -13.189 -24.363 1.00 45.02 ? 15  LYS B CE    1 
ATOM   257 N NZ    . LYS B 1 7 ? -6.209  -12.148 -23.726 1.00 44.95 ? 15  LYS B NZ    1 
HETATM 258 N N     . NH2 B 1 8 ? -4.163  -11.507 -28.185 1.00 41.08 ? 16  NH2 B N     1 
HETATM 259 C "C8'" . GPN C 1 1 ? 0.745   -0.769  25.016  1.00 14.60 ? 17  GPN C "C8'" 1 
HETATM 260 C "C7'" . GPN C 1 1 ? 1.664   -1.677  24.174  1.00 16.26 ? 17  GPN C "C7'" 1 
HETATM 261 O "O7'" . GPN C 1 1 ? 1.675   -1.552  22.944  1.00 15.48 ? 17  GPN C "O7'" 1 
HETATM 262 C "C5'" . GPN C 1 1 ? 3.321   -3.453  23.887  1.00 16.92 ? 17  GPN C "C5'" 1 
HETATM 263 C C     . GPN C 1 1 ? 4.779   -3.002  23.757  1.00 16.57 ? 17  GPN C C     1 
HETATM 264 O O     . GPN C 1 1 ? 5.597   -3.796  23.286  1.00 19.22 ? 17  GPN C O     1 
HETATM 265 N "N4'" . GPN C 1 1 ? 2.460   -2.605  24.718  1.00 16.61 ? 17  GPN C "N4'" 1 
HETATM 266 C "C3'" . GPN C 1 1 ? 2.573   -2.900  26.150  1.00 19.36 ? 17  GPN C "C3'" 1 
HETATM 267 C "C2'" . GPN C 1 1 ? 1.273   -3.585  26.689  1.00 21.47 ? 17  GPN C "C2'" 1 
HETATM 268 N N     . GPN C 1 1 ? 0.496   -4.355  25.717  1.00 20.26 ? 17  GPN C N     1 
HETATM 269 N N9    . GPN C 1 1 ? -0.056  0.055   24.112  1.00 14.14 ? 17  GPN C N9    1 
HETATM 270 C C8    . GPN C 1 1 ? -1.338  -0.136  23.708  1.00 11.79 ? 17  GPN C C8    1 
HETATM 271 N N7    . GPN C 1 1 ? -1.740  0.781   22.881  1.00 14.98 ? 17  GPN C N7    1 
HETATM 272 C C5    . GPN C 1 1 ? -0.654  1.641   22.728  1.00 14.52 ? 17  GPN C C5    1 
HETATM 273 C C6    . GPN C 1 1 ? -0.516  2.823   21.941  1.00 15.33 ? 17  GPN C C6    1 
HETATM 274 O O6    . GPN C 1 1 ? -1.379  3.330   21.222  1.00 16.18 ? 17  GPN C O6    1 
HETATM 275 N N1    . GPN C 1 1 ? 0.757   3.381   22.062  1.00 11.46 ? 17  GPN C N1    1 
HETATM 276 C C2    . GPN C 1 1 ? 1.780   2.877   22.852  1.00 11.22 ? 17  GPN C C2    1 
HETATM 277 N N2    . GPN C 1 1 ? 2.951   3.537   22.859  1.00 9.10  ? 17  GPN C N2    1 
HETATM 278 N N3    . GPN C 1 1 ? 1.635   1.768   23.588  1.00 12.11 ? 17  GPN C N3    1 
HETATM 279 C C4    . GPN C 1 1 ? 0.396   1.206   23.475  1.00 13.94 ? 17  GPN C C4    1 
HETATM 280 N "N1'" . OPN C 1 2 ? 5.159   -1.770  24.149  1.00 13.55 ? 18  OPN C "N1'" 1 
HETATM 281 C "C2'" . OPN C 1 2 ? 6.545   -1.331  24.042  1.00 12.46 ? 18  OPN C "C2'" 1 
HETATM 282 C "C3'" . OPN C 1 2 ? 6.817   -0.302  22.935  1.00 11.63 ? 18  OPN C "C3'" 1 
HETATM 283 N "N4'" . OPN C 1 2 ? 6.461   -0.834  21.606  1.00 7.82  ? 18  OPN C "N4'" 1 
HETATM 284 C "C5'" . OPN C 1 2 ? 7.360   -1.840  21.085  1.00 8.66  ? 18  OPN C "C5'" 1 
HETATM 285 C "C'"  . OPN C 1 2 ? 8.399   -1.251  20.130  1.00 10.23 ? 18  OPN C "C'"  1 
HETATM 286 O "O1'" . OPN C 1 2 ? 8.948   -1.984  19.305  1.00 10.04 ? 18  OPN C "O1'" 1 
HETATM 287 C "C7'" . OPN C 1 2 ? 5.427   -0.396  20.869  1.00 9.12  ? 18  OPN C "C7'" 1 
HETATM 288 O "O7'" . OPN C 1 2 ? 5.266   -0.817  19.721  1.00 10.51 ? 18  OPN C "O7'" 1 
HETATM 289 C "C8'" . OPN C 1 2 ? 4.519   0.685   21.437  1.00 8.22  ? 18  OPN C "C8'" 1 
HETATM 290 C C1    . OPN C 1 2 ? 3.412   1.134   20.516  1.00 7.98  ? 18  OPN C C1    1 
HETATM 291 C C6    . OPN C 1 2 ? 2.276   0.432   20.463  1.00 9.37  ? 18  OPN C C6    1 
HETATM 292 C C2    . OPN C 1 2 ? 3.598   2.325   19.701  1.00 9.46  ? 18  OPN C C2    1 
HETATM 293 O O2    . OPN C 1 2 ? 4.603   3.031   19.671  1.00 10.07 ? 18  OPN C O2    1 
HETATM 294 N N3    . OPN C 1 2 ? 2.576   2.720   18.881  1.00 8.85  ? 18  OPN C N3    1 
HETATM 295 C C4    . OPN C 1 2 ? 1.405   2.059   18.776  1.00 9.43  ? 18  OPN C C4    1 
HETATM 296 C C5    . OPN C 1 2 ? 1.215   0.905   19.549  1.00 10.07 ? 18  OPN C C5    1 
HETATM 297 C C7    . OPN C 1 2 ? 0.011   0.252   19.425  1.00 11.17 ? 18  OPN C C7    1 
HETATM 298 C C8    . OPN C 1 2 ? -1.013  0.653   18.595  1.00 11.62 ? 18  OPN C C8    1 
HETATM 299 C C9    . OPN C 1 2 ? -0.759  1.816   17.847  1.00 11.09 ? 18  OPN C C9    1 
HETATM 300 N N10   . OPN C 1 2 ? 0.427   2.482   17.955  1.00 10.08 ? 18  OPN C N10   1 
HETATM 301 C "C8'" . APN C 1 3 ? 6.622   1.161   17.508  1.00 6.39  ? 19  APN C "C8'" 1 
HETATM 302 C "C7'" . APN C 1 3 ? 7.706   0.567   16.638  1.00 6.00  ? 19  APN C "C7'" 1 
HETATM 303 O "O7'" . APN C 1 3 ? 7.445   0.002   15.562  1.00 6.27  ? 19  APN C "O7'" 1 
HETATM 304 C "C5'" . APN C 1 3 ? 10.069  0.054   16.376  1.00 6.61  ? 19  APN C "C5'" 1 
HETATM 305 C C     . APN C 1 3 ? 10.751  0.923   15.319  1.00 8.89  ? 19  APN C C     1 
HETATM 306 O O     . APN C 1 3 ? 11.603  0.400   14.622  1.00 13.69 ? 19  APN C O     1 
HETATM 307 N "N4'" . APN C 1 3 ? 8.963   0.684   17.085  1.00 6.15  ? 19  APN C "N4'" 1 
HETATM 308 C "C3'" . APN C 1 3 ? 9.335   1.472   18.275  1.00 2.93  ? 19  APN C "C3'" 1 
HETATM 309 C "C2'" . APN C 1 3 ? 9.792   0.552   19.388  1.00 5.70  ? 19  APN C "C2'" 1 
HETATM 310 N N     . APN C 1 3 ? 8.692   0.048   20.191  1.00 5.97  ? 19  APN C N     1 
HETATM 311 N N9    . APN C 1 3 ? 5.316   1.181   16.852  1.00 7.46  ? 19  APN C N9    1 
HETATM 312 C C8    . APN C 1 3 ? 4.263   0.307   16.977  1.00 6.37  ? 19  APN C C8    1 
HETATM 313 N N7    . APN C 1 3 ? 3.234   0.623   16.250  1.00 4.86  ? 19  APN C N7    1 
HETATM 314 C C5    . APN C 1 3 ? 3.644   1.780   15.598  1.00 7.83  ? 19  APN C C5    1 
HETATM 315 C C6    . APN C 1 3 ? 3.004   2.609   14.672  1.00 8.49  ? 19  APN C C6    1 
HETATM 316 N N6    . APN C 1 3 ? 1.770   2.357   14.263  1.00 7.15  ? 19  APN C N6    1 
HETATM 317 N N1    . APN C 1 3 ? 3.695   3.673   14.226  1.00 8.20  ? 19  APN C N1    1 
HETATM 318 C C2    . APN C 1 3 ? 4.931   3.893   14.669  1.00 9.18  ? 19  APN C C2    1 
HETATM 319 N N3    . APN C 1 3 ? 5.644   3.184   15.531  1.00 8.39  ? 19  APN C N3    1 
HETATM 320 C C4    . APN C 1 3 ? 4.918   2.127   15.965  1.00 6.61  ? 19  APN C C4    1 
HETATM 321 C "C8'" . TPN C 1 4 ? 7.619   2.812   12.697  1.00 8.32  ? 20  TPN C "C8'" 1 
HETATM 322 C "C7'" . TPN C 1 4 ? 8.767   2.293   11.879  1.00 8.69  ? 20  TPN C "C7'" 1 
HETATM 323 O "O7'" . TPN C 1 4 ? 8.553   1.472   10.979  1.00 8.78  ? 20  TPN C "O7'" 1 
HETATM 324 C "C5'" . TPN C 1 4 ? 11.170  2.266   11.376  1.00 8.01  ? 20  TPN C "C5'" 1 
HETATM 325 C C     . TPN C 1 4 ? 11.272  3.071   10.088  1.00 8.95  ? 20  TPN C C     1 
HETATM 326 O O     . TPN C 1 4 ? 10.975  4.269   10.082  1.00 11.51 ? 20  TPN C O     1 
HETATM 327 N "N4'" . TPN C 1 4 ? 10.015  2.738   12.138  1.00 9.72  ? 20  TPN C "N4'" 1 
HETATM 328 C "C3'" . TPN C 1 4 ? 10.389  3.771   13.141  1.00 8.79  ? 20  TPN C "C3'" 1 
HETATM 329 C "C2'" . TPN C 1 4 ? 11.218  3.040   14.203  1.00 11.33 ? 20  TPN C "C2'" 1 
HETATM 330 N N     . TPN C 1 4 ? 10.425  2.199   15.109  1.00 9.86  ? 20  TPN C N     1 
HETATM 331 N N1    . TPN C 1 4 ? 6.331   2.171   12.292  1.00 9.63  ? 20  TPN C N1    1 
HETATM 332 C C6    . TPN C 1 4 ? 5.824   1.023   12.835  1.00 8.02  ? 20  TPN C C6    1 
HETATM 333 C C2    . TPN C 1 4 ? 5.629   2.855   11.300  1.00 9.15  ? 20  TPN C C2    1 
HETATM 334 O O2    . TPN C 1 4 ? 6.047   3.884   10.755  1.00 9.60  ? 20  TPN C O2    1 
HETATM 335 N N3    . TPN C 1 4 ? 4.406   2.309   10.927  1.00 9.89  ? 20  TPN C N3    1 
HETATM 336 C C4    . TPN C 1 4 ? 3.824   1.163   11.440  1.00 11.35 ? 20  TPN C C4    1 
HETATM 337 O O4    . TPN C 1 4 ? 2.723   0.779   11.040  1.00 11.15 ? 20  TPN C O4    1 
HETATM 338 C C5    . TPN C 1 4 ? 4.629   0.511   12.453  1.00 9.48  ? 20  TPN C C5    1 
HETATM 339 C C5M   . TPN C 1 4 ? 4.113   -0.768  13.108  1.00 11.44 ? 20  TPN C C5M   1 
HETATM 340 C "C8'" . APN C 1 5 ? 8.085   2.718   7.833   1.00 10.66 ? 21  APN C "C8'" 1 
HETATM 341 C "C7'" . APN C 1 5 ? 8.780   2.254   6.545   1.00 12.50 ? 21  APN C "C7'" 1 
HETATM 342 O "O7'" . APN C 1 5 ? 8.254   1.414   5.794   1.00 8.35  ? 21  APN C "O7'" 1 
HETATM 343 C "C5'" . APN C 1 5 ? 10.705  2.173   5.083   1.00 12.45 ? 21  APN C "C5'" 1 
HETATM 344 C C     . APN C 1 5 ? 10.265  2.828   3.791   1.00 13.71 ? 21  APN C C     1 
HETATM 345 O O     . APN C 1 5 ? 10.830  2.547   2.729   1.00 15.30 ? 21  APN C O     1 
HETATM 346 N "N4'" . APN C 1 5 ? 9.980   2.734   6.208   1.00 12.97 ? 21  APN C "N4'" 1 
HETATM 347 C "C3'" . APN C 1 5 ? 10.713  3.751   6.965   1.00 10.56 ? 21  APN C "C3'" 1 
HETATM 348 C "C2'" . APN C 1 5 ? 11.872  3.035   7.693   1.00 9.41  ? 21  APN C "C2'" 1 
HETATM 349 N N     . APN C 1 5 ? 11.638  2.402   8.988   1.00 7.47  ? 21  APN C N     1 
HETATM 350 N N9    . APN C 1 5 ? 6.858   1.939   7.942   1.00 10.72 ? 21  APN C N9    1 
HETATM 351 C C8    . APN C 1 5 ? 6.568   0.782   8.637   1.00 10.59 ? 21  APN C C8    1 
HETATM 352 N N7    . APN C 1 5 ? 5.353   0.358   8.457   1.00 10.60 ? 21  APN C N7    1 
HETATM 353 C C5    . APN C 1 5 ? 4.802   1.293   7.592   1.00 10.00 ? 21  APN C C5    1 
HETATM 354 C C6    . APN C 1 5 ? 3.539   1.418   7.020   1.00 10.54 ? 21  APN C C6    1 
HETATM 355 N N6    . APN C 1 5 ? 2.566   0.556   7.249   1.00 11.85 ? 21  APN C N6    1 
HETATM 356 N N1    . APN C 1 5 ? 3.334   2.457   6.205   1.00 10.82 ? 21  APN C N1    1 
HETATM 357 C C2    . APN C 1 5 ? 4.324   3.313   5.986   1.00 9.96  ? 21  APN C C2    1 
HETATM 358 N N3    . APN C 1 5 ? 5.552   3.321   6.459   1.00 9.79  ? 21  APN C N3    1 
HETATM 359 C C4    . APN C 1 5 ? 5.717   2.257   7.273   1.00 10.13 ? 21  APN C C4    1 
HETATM 360 C "C8'" . CPN C 1 6 ? 6.271   2.081   3.146   1.00 11.62 ? 22  CPN C "C8'" 1 
HETATM 361 C "C7'" . CPN C 1 6 ? 6.997   1.561   1.906   1.00 12.20 ? 22  CPN C "C7'" 1 
HETATM 362 O "O7'" . CPN C 1 6 ? 6.808   0.448   1.425   1.00 12.53 ? 22  CPN C "O7'" 1 
HETATM 363 C "C5'" . CPN C 1 6 ? 8.520   2.119   0.132   1.00 16.59 ? 22  CPN C "C5'" 1 
HETATM 364 C C     . CPN C 1 6 ? 7.533   2.173   -1.013  1.00 21.16 ? 22  CPN C C     1 
HETATM 365 O O     . CPN C 1 6 ? 6.481   2.825   -0.977  1.00 16.45 ? 22  CPN C O     1 
HETATM 366 N "N4'" . CPN C 1 6 ? 7.789   2.447   1.331   1.00 13.82 ? 22  CPN C "N4'" 1 
HETATM 367 C "C3'" . CPN C 1 6 ? 7.767   3.853   1.754   1.00 12.34 ? 22  CPN C "C3'" 1 
HETATM 368 C "C2'" . CPN C 1 6 ? 8.980   4.317   2.508   1.00 13.62 ? 22  CPN C "C2'" 1 
HETATM 369 N N     . CPN C 1 6 ? 9.254   3.684   3.795   1.00 10.24 ? 22  CPN C N     1 
HETATM 370 N N1    . CPN C 1 6 ? 5.207   1.174   3.474   1.00 11.48 ? 22  CPN C N1    1 
HETATM 371 C C2    . CPN C 1 6 ? 4.003   1.408   2.801   1.00 12.13 ? 22  CPN C C2    1 
HETATM 372 N N3    . CPN C 1 6 ? 2.972   0.555   3.057   1.00 13.37 ? 22  CPN C N3    1 
HETATM 373 C C4    . CPN C 1 6 ? 3.124   -0.468  3.922   1.00 14.55 ? 22  CPN C C4    1 
HETATM 374 C C5    . CPN C 1 6 ? 4.362   -0.698  4.601   1.00 14.35 ? 22  CPN C C5    1 
HETATM 375 C C6    . CPN C 1 6 ? 5.373   0.152   4.342   1.00 11.79 ? 22  CPN C C6    1 
HETATM 376 O O2    . CPN C 1 6 ? 3.882   2.332   1.987   1.00 14.12 ? 22  CPN C O2    1 
HETATM 377 N N4    . CPN C 1 6 ? 2.133   -1.303  4.194   1.00 15.04 ? 22  CPN C N4    1 
ATOM   378 N N     . LYS C 1 7 ? 7.936   1.469   -2.060  1.00 25.91 ? 23  LYS C N     1 
ATOM   379 C CA    . LYS C 1 7 ? 7.046   1.434   -3.194  1.00 32.39 ? 23  LYS C CA    1 
ATOM   380 C C     . LYS C 1 7 ? 6.739   -0.011  -3.565  1.00 33.01 ? 23  LYS C C     1 
ATOM   381 O O     . LYS C 1 7 ? 6.988   -0.948  -2.794  1.00 33.51 ? 23  LYS C O     1 
ATOM   382 C CB    . LYS C 1 7 ? 7.718   2.242   -4.318  1.00 37.00 ? 23  LYS C CB    1 
ATOM   383 C CG    . LYS C 1 7 ? 7.731   3.663   -3.891  1.00 40.98 ? 23  LYS C CG    1 
ATOM   384 C CD    . LYS C 1 7 ? 8.040   4.758   -4.910  1.00 44.45 ? 23  LYS C CD    1 
ATOM   385 C CE    . LYS C 1 7 ? 8.016   6.080   -4.151  1.00 46.65 ? 23  LYS C CE    1 
ATOM   386 N NZ    . LYS C 1 7 ? 6.710   6.727   -4.117  1.00 46.34 ? 23  LYS C NZ    1 
HETATM 387 N N     . NH2 C 1 8 ? 6.114   -0.231  -4.711  1.00 33.74 ? 24  NH2 C N     1 
HETATM 388 C "C8'" . GPN D 1 1 ? -3.579  2.403   -0.910  1.00 11.31 ? 25  GPN D "C8'" 1 
HETATM 389 C "C7'" . GPN D 1 1 ? -4.105  3.605   -0.122  1.00 14.09 ? 25  GPN D "C7'" 1 
HETATM 390 O "O7'" . GPN D 1 1 ? -4.029  3.626   1.117   1.00 13.80 ? 25  GPN D "O7'" 1 
HETATM 391 C "C5'" . GPN D 1 1 ? -5.214  5.792   -0.055  1.00 14.41 ? 25  GPN D "C5'" 1 
HETATM 392 C C     . GPN D 1 1 ? -4.220  6.929   0.146   1.00 12.60 ? 25  GPN D C     1 
HETATM 393 O O     . GPN D 1 1 ? -4.580  7.948   0.734   1.00 16.87 ? 25  GPN D O     1 
HETATM 394 N "N4'" . GPN D 1 1 ? -4.656  4.646   -0.766  1.00 18.08 ? 25  GPN D "N4'" 1 
HETATM 395 C "C3'" . GPN D 1 1 ? -4.732  4.774   -2.223  1.00 21.53 ? 25  GPN D "C3'" 1 
HETATM 396 C "C2'" . GPN D 1 1 ? -6.022  4.131   -2.765  1.00 24.48 ? 25  GPN D "C2'" 1 
HETATM 397 N N     . GPN D 1 1 ? -6.789  3.421   -1.746  1.00 28.06 ? 25  GPN D N     1 
HETATM 398 N N9    . GPN D 1 1 ? -3.088  1.416   0.066   1.00 12.24 ? 25  GPN D N9    1 
HETATM 399 C C8    . GPN D 1 1 ? -3.733  0.364   0.667   1.00 11.40 ? 25  GPN D C8    1 
HETATM 400 N N7    . GPN D 1 1 ? -2.985  -0.297  1.505   1.00 13.10 ? 25  GPN D N7    1 
HETATM 401 C C5    . GPN D 1 1 ? -1.759  0.378   1.454   1.00 11.19 ? 25  GPN D C5    1 
HETATM 402 C C6    . GPN D 1 1 ? -0.551  0.123   2.136   1.00 9.74  ? 25  GPN D C6    1 
HETATM 403 O O6    . GPN D 1 1 ? -0.344  -0.776  2.947   1.00 12.30 ? 25  GPN D O6    1 
HETATM 404 N N1    . GPN D 1 1 ? 0.431   1.031   1.790   1.00 9.32  ? 25  GPN D N1    1 
HETATM 405 C C2    . GPN D 1 1 ? 0.282   2.063   0.896   1.00 8.91  ? 25  GPN D C2    1 
HETATM 406 N N2    . GPN D 1 1 ? 1.339   2.855   0.693   1.00 11.72 ? 25  GPN D N2    1 
HETATM 407 N N3    . GPN D 1 1 ? -0.850  2.296   0.248   1.00 8.81  ? 25  GPN D N3    1 
HETATM 408 C C4    . GPN D 1 1 ? -1.814  1.410   0.565   1.00 10.01 ? 25  GPN D C4    1 
HETATM 409 N "N1'" . OPN D 1 2 ? -2.977  6.783   -0.321  1.00 12.01 ? 26  OPN D "N1'" 1 
HETATM 410 C "C2'" . OPN D 1 2 ? -2.001  7.865   -0.298  1.00 12.40 ? 26  OPN D "C2'" 1 
HETATM 411 C "C3'" . OPN D 1 2 ? -0.782  7.636   0.586   1.00 9.83  ? 26  OPN D "C3'" 1 
HETATM 412 N "N4'" . OPN D 1 2 ? -1.211  7.667   1.989   1.00 9.48  ? 26  OPN D "N4'" 1 
HETATM 413 C "C5'" . OPN D 1 2 ? -1.637  8.959   2.484   1.00 9.34  ? 26  OPN D "C5'" 1 
HETATM 414 C "C'"  . OPN D 1 2 ? -0.513  9.777   3.097   1.00 10.02 ? 26  OPN D "C'"  1 
HETATM 415 O "O1'" . OPN D 1 2 ? -0.820  10.883  3.511   1.00 12.61 ? 26  OPN D "O1'" 1 
HETATM 416 C "C7'" . OPN D 1 2 ? -1.242  6.615   2.800   1.00 8.82  ? 26  OPN D "C7'" 1 
HETATM 417 O "O7'" . OPN D 1 2 ? -1.517  6.796   3.984   1.00 9.42  ? 26  OPN D "O7'" 1 
HETATM 418 C "C8'" . OPN D 1 2 ? -0.927  5.225   2.278   1.00 4.81  ? 26  OPN D "C8'" 1 
HETATM 419 C C1    . OPN D 1 2 ? -0.710  4.117   3.302   1.00 6.18  ? 26  OPN D C1    1 
HETATM 420 C C6    . OPN D 1 2 ? -1.723  3.279   3.572   1.00 3.55  ? 26  OPN D C6    1 
HETATM 421 C C2    . OPN D 1 2 ? 0.591   3.975   3.947   1.00 2.98  ? 26  OPN D C2    1 
HETATM 422 O O2    . OPN D 1 2 ? 1.579   4.692   3.764   1.00 6.80  ? 26  OPN D O2    1 
HETATM 423 N N3    . OPN D 1 2 ? 0.760   2.941   4.837   1.00 5.03  ? 26  OPN D N3    1 
HETATM 424 C C4    . OPN D 1 2 ? -0.216  2.065   5.167   1.00 3.46  ? 26  OPN D C4    1 
HETATM 425 C C5    . OPN D 1 2 ? -1.472  2.204   4.554   1.00 5.60  ? 26  OPN D C5    1 
HETATM 426 C C7    . OPN D 1 2 ? -2.452  1.292   4.899   1.00 6.33  ? 26  OPN D C7    1 
HETATM 427 C C8    . OPN D 1 2 ? -2.273  0.263   5.808   1.00 9.46  ? 26  OPN D C8    1 
HETATM 428 C C9    . OPN D 1 2 ? -0.984  0.172   6.387   1.00 9.21  ? 26  OPN D C9    1 
HETATM 429 N N10   . OPN D 1 2 ? -0.007  1.067   6.051   1.00 6.35  ? 26  OPN D N10   1 
HETATM 430 C "C8'" . APN D 1 3 ? 1.434   7.284   5.767   1.00 4.17  ? 27  APN D "C8'" 1 
HETATM 431 C "C7'" . APN D 1 3 ? 1.421   8.587   6.558   1.00 7.31  ? 27  APN D "C7'" 1 
HETATM 432 O "O7'" . APN D 1 3 ? 0.925   8.630   7.679   1.00 8.84  ? 27  APN D "O7'" 1 
HETATM 433 C "C5'" . APN D 1 3 ? 1.984   10.966  6.738   1.00 10.19 ? 27  APN D "C5'" 1 
HETATM 434 C C     . APN D 1 3 ? 3.314   11.306  7.422   1.00 9.76  ? 27  APN D C     1 
HETATM 435 O O     . APN D 1 3 ? 3.450   12.411  7.931   1.00 10.54 ? 27  APN D O     1 
HETATM 436 N "N4'" . APN D 1 3 ? 1.980   9.681   6.035   1.00 10.26 ? 27  APN D "N4'" 1 
HETATM 437 C "C3'" . APN D 1 3 ? 2.684   9.691   4.756   1.00 8.65  ? 27  APN D "C3'" 1 
HETATM 438 C "C2'" . APN D 1 3 ? 1.782   10.294  3.686   1.00 8.96  ? 27  APN D "C2'" 1 
HETATM 439 N N     . APN D 1 3 ? 0.753   9.364   3.210   1.00 8.91  ? 27  APN D N     1 
HETATM 440 N N9    . APN D 1 3 ? 0.946   6.146   6.586   1.00 7.10  ? 27  APN D N9    1 
HETATM 441 C C8    . APN D 1 3 ? -0.314  5.556   6.674   1.00 5.09  ? 27  APN D C8    1 
HETATM 442 N N7    . APN D 1 3 ? -0.363  4.542   7.513   1.00 6.01  ? 27  APN D N7    1 
HETATM 443 C C5    . APN D 1 3 ? 0.936   4.456   8.010   1.00 6.66  ? 27  APN D C5    1 
HETATM 444 C C6    . APN D 1 3 ? 1.545   3.588   8.936   1.00 8.43  ? 27  APN D C6    1 
HETATM 445 N N6    . APN D 1 3 ? 0.908   2.592   9.580   1.00 6.56  ? 27  APN D N6    1 
HETATM 446 N N1    . APN D 1 3 ? 2.854   3.818   9.176   1.00 6.81  ? 27  APN D N1    1 
HETATM 447 C C2    . APN D 1 3 ? 3.507   4.809   8.558   1.00 6.47  ? 27  APN D C2    1 
HETATM 448 N N3    . APN D 1 3 ? 3.051   5.671   7.673   1.00 6.17  ? 27  APN D N3    1 
HETATM 449 C C4    . APN D 1 3 ? 1.735   5.429   7.440   1.00 5.05  ? 27  APN D C4    1 
HETATM 450 C "C8'" . TPN D 1 4 ? 4.080   8.149   10.277  1.00 10.01 ? 28  TPN D "C8'" 1 
HETATM 451 C "C7'" . TPN D 1 4 ? 4.118   9.504   10.939  1.00 11.73 ? 28  TPN D "C7'" 1 
HETATM 452 O "O7'" . TPN D 1 4 ? 3.361   9.780   11.881  1.00 12.19 ? 28  TPN D "O7'" 1 
HETATM 453 C "C5'" . TPN D 1 4 ? 5.140   11.729  11.025  1.00 12.12 ? 28  TPN D "C5'" 1 
HETATM 454 C C     . TPN D 1 4 ? 6.009   11.687  12.276  1.00 12.35 ? 28  TPN D C     1 
HETATM 455 O O     . TPN D 1 4 ? 6.953   10.899  12.373  1.00 17.08 ? 28  TPN D O     1 
HETATM 456 N "N4'" . TPN D 1 4 ? 5.012   10.383  10.451  1.00 12.96 ? 28  TPN D "N4'" 1 
HETATM 457 C "C3'" . TPN D 1 4 ? 5.973   10.035  9.380   1.00 10.90 ? 28  TPN D "C3'" 1 
HETATM 458 C "C2'" . TPN D 1 4 ? 5.588   10.749  8.084   1.00 11.51 ? 28  TPN D "C2'" 1 
HETATM 459 N N     . TPN D 1 4 ? 4.302   10.410  7.503   1.00 9.84  ? 28  TPN D N     1 
HETATM 460 N N1    . TPN D 1 4 ? 3.105   7.227   10.843  1.00 8.63  ? 28  TPN D N1    1 
HETATM 461 C C6    . TPN D 1 4 ? 1.805   7.169   10.450  1.00 6.92  ? 28  TPN D C6    1 
HETATM 462 C C2    . TPN D 1 4 ? 3.596   6.364   11.820  1.00 9.22  ? 28  TPN D C2    1 
HETATM 463 O O2    . TPN D 1 4 ? 4.762   6.389   12.221  1.00 10.58 ? 28  TPN D O2    1 
HETATM 464 N N3    . TPN D 1 4 ? 2.697   5.452   12.338  1.00 9.79  ? 28  TPN D N3    1 
HETATM 465 C C4    . TPN D 1 4 ? 1.365   5.337   11.984  1.00 7.92  ? 28  TPN D C4    1 
HETATM 466 O O4    . TPN D 1 4 ? 0.663   4.477   12.497  1.00 8.80  ? 28  TPN D O4    1 
HETATM 467 C C5    . TPN D 1 4 ? 0.938   6.282   10.976  1.00 9.13  ? 28  TPN D C5    1 
HETATM 468 C C5M   . TPN D 1 4 ? -0.504  6.283   10.476  1.00 3.06  ? 28  TPN D C5M   1 
HETATM 469 C "C8'" . APN D 1 5 ? 4.723   9.176   14.874  1.00 14.71 ? 29  APN D "C8'" 1 
HETATM 470 C "C7'" . APN D 1 5 ? 4.710   10.162  16.045  1.00 17.28 ? 29  APN D "C7'" 1 
HETATM 471 O "O7'" . APN D 1 5 ? 3.809   10.089  16.884  1.00 17.79 ? 29  APN D "O7'" 1 
HETATM 472 C "C5'" . APN D 1 5 ? 5.588   12.010  17.349  1.00 20.69 ? 29  APN D "C5'" 1 
HETATM 473 C C     . APN D 1 5 ? 6.130   11.523  18.682  1.00 21.47 ? 29  APN D C     1 
HETATM 474 O O     . APN D 1 5 ? 5.908   12.280  19.636  1.00 23.34 ? 29  APN D O     1 
HETATM 475 N "N4'" . APN D 1 5 ? 5.650   11.080  16.244  1.00 19.20 ? 29  APN D "N4'" 1 
HETATM 476 C "C3'" . APN D 1 5 ? 6.768   11.248  15.334  1.00 20.30 ? 29  APN D "C3'" 1 
HETATM 477 C "C2'" . APN D 1 5 ? 6.533   12.539  14.499  1.00 17.55 ? 29  APN D "C2'" 1 
HETATM 478 N N     . APN D 1 5 ? 5.707   12.497  13.278  1.00 14.95 ? 29  APN D N     1 
HETATM 479 N N9    . APN D 1 5 ? 3.484   8.315   14.942  1.00 13.45 ? 29  APN D N9    1 
HETATM 480 C C8    . APN D 1 5 ? 2.241   8.438   14.350  1.00 11.27 ? 29  APN D C8    1 
HETATM 481 N N7    . APN D 1 5 ? 1.420   7.484   14.705  1.00 11.21 ? 29  APN D N7    1 
HETATM 482 C C5    . APN D 1 5 ? 2.165   6.687   15.570  1.00 11.12 ? 29  APN D C5    1 
HETATM 483 C C6    . APN D 1 5 ? 1.883   5.514   16.293  1.00 12.13 ? 29  APN D C6    1 
HETATM 484 N N6    . APN D 1 5 ? 0.704   4.891   16.264  1.00 9.28  ? 29  APN D N6    1 
HETATM 485 N N1    . APN D 1 5 ? 2.851   5.010   17.070  1.00 11.97 ? 29  APN D N1    1 
HETATM 486 C C2    . APN D 1 5 ? 4.031   5.608   17.116  1.00 13.69 ? 29  APN D C2    1 
HETATM 487 N N3    . APN D 1 5 ? 4.415   6.708   16.487  1.00 14.27 ? 29  APN D N3    1 
HETATM 488 C C4    . APN D 1 5 ? 3.420   7.199   15.718  1.00 13.28 ? 29  APN D C4    1 
HETATM 489 C "C8'" . CPN D 1 6 ? 4.127   7.946   19.811  1.00 7.23  ? 30  CPN D "C8'" 1 
HETATM 490 C "C7'" . CPN D 1 6 ? 4.217   8.907   20.977  1.00 7.93  ? 30  CPN D "C7'" 1 
HETATM 491 O "O7'" . CPN D 1 6 ? 3.188   9.255   21.587  1.00 7.92  ? 30  CPN D "O7'" 1 
HETATM 492 C "C5'" . CPN D 1 6 ? 5.577   10.381  22.391  1.00 16.55 ? 30  CPN D "C5'" 1 
HETATM 493 C C     . CPN D 1 6 ? 5.366   9.862   23.816  1.00 21.99 ? 30  CPN D C     1 
HETATM 494 O O     . CPN D 1 6 ? 5.481   8.657   24.069  1.00 18.95 ? 30  CPN D O     1 
HETATM 495 N "N4'" . CPN D 1 6 ? 5.424   9.364   21.335  1.00 13.09 ? 30  CPN D "N4'" 1 
HETATM 496 C "C3'" . CPN D 1 6 ? 6.677   8.835   20.761  1.00 12.66 ? 30  CPN D "C3'" 1 
HETATM 497 C "C2'" . CPN D 1 6 ? 7.442   9.913   20.014  1.00 14.29 ? 30  CPN D "C2'" 1 
HETATM 498 N N     . CPN D 1 6 ? 6.798   10.345  18.790  1.00 12.94 ? 30  CPN D N     1 
HETATM 499 N N1    . CPN D 1 6 ? 2.742   7.430   19.671  1.00 6.50  ? 30  CPN D N1    1 
HETATM 500 C C2    . CPN D 1 6 ? 2.464   6.320   20.465  1.00 6.57  ? 30  CPN D C2    1 
HETATM 501 N N3    . CPN D 1 6 ? 1.228   5.754   20.431  1.00 9.67  ? 30  CPN D N3    1 
HETATM 502 C C4    . CPN D 1 6 ? 0.264   6.250   19.634  1.00 8.94  ? 30  CPN D C4    1 
HETATM 503 C C5    . CPN D 1 6 ? 0.525   7.396   18.806  1.00 8.55  ? 30  CPN D C5    1 
HETATM 504 C C6    . CPN D 1 6 ? 1.769   7.939   18.860  1.00 7.64  ? 30  CPN D C6    1 
HETATM 505 O O2    . CPN D 1 6 ? 3.317   5.856   21.209  1.00 7.68  ? 30  CPN D O2    1 
HETATM 506 N N4    . CPN D 1 6 ? -0.951  5.688   19.598  1.00 9.13  ? 30  CPN D N4    1 
ATOM   507 N N     . LYS D 1 7 ? 5.060   10.795  24.742  1.00 27.00 ? 31  LYS D N     1 
ATOM   508 C CA    . LYS D 1 7 ? 4.913   10.566  26.186  1.00 29.62 ? 31  LYS D CA    1 
ATOM   509 C C     . LYS D 1 7 ? 3.855   9.575   26.674  1.00 27.11 ? 31  LYS D C     1 
ATOM   510 O O     . LYS D 1 7 ? 2.667   9.842   26.867  1.00 25.88 ? 31  LYS D O     1 
ATOM   511 C CB    . LYS D 1 7 ? 4.709   11.940  26.875  1.00 32.87 ? 31  LYS D CB    1 
ATOM   512 C CG    . LYS D 1 7 ? 6.007   12.728  27.017  1.00 37.15 ? 31  LYS D CG    1 
ATOM   513 C CD    . LYS D 1 7 ? 6.157   13.492  28.360  1.00 40.94 ? 31  LYS D CD    1 
ATOM   514 C CE    . LYS D 1 7 ? 7.615   13.942  28.610  1.00 44.63 ? 31  LYS D CE    1 
ATOM   515 N NZ    . LYS D 1 7 ? 7.903   15.253  28.038  1.00 48.22 ? 31  LYS D NZ    1 
HETATM 516 N N     . NH2 D 1 8 ? 4.337   8.350   26.847  1.00 27.32 ? 32  NH2 D N     1 
HETATM 517 O O     . HOH E 2 . ? -8.015  -3.010  -16.653 1.00 12.69 ? 35  HOH A O     1 
HETATM 518 O O     . HOH E 2 . ? -7.251  -1.309  -21.322 1.00 17.87 ? 46  HOH A O     1 
HETATM 519 O O     . HOH E 2 . ? -3.126  3.883   -19.735 1.00 33.83 ? 48  HOH A O     1 
HETATM 520 O O     . HOH E 2 . ? -7.578  -3.959  -5.692  1.00 25.75 ? 49  HOH A O     1 
HETATM 521 O O     . HOH E 2 . ? -9.001  1.883   -6.171  1.00 32.78 ? 55  HOH A O     1 
HETATM 522 O O     . HOH E 2 . ? -5.632  -2.305  -24.906 1.00 35.57 ? 60  HOH A O     1 
HETATM 523 O O     . HOH E 2 . ? -6.117  -3.934  -20.621 1.00 42.15 ? 62  HOH A O     1 
HETATM 524 O O     . HOH E 2 . ? 0.389   0.840   -14.944 1.00 40.12 ? 70  HOH A O     1 
HETATM 525 O O     . HOH E 2 . ? -2.164  4.610   -7.080  1.00 31.10 ? 72  HOH A O     1 
HETATM 526 O O     . HOH E 2 . ? -0.916  1.898   -11.946 1.00 35.62 ? 74  HOH A O     1 
HETATM 527 O O     . HOH E 2 . ? -7.198  -5.314  -9.928  1.00 35.39 ? 76  HOH A O     1 
HETATM 528 O O     . HOH E 2 . ? -9.300  5.487   -20.356 1.00 39.71 ? 77  HOH A O     1 
HETATM 529 O O     . HOH E 2 . ? 3.568   -1.328  -20.836 1.00 57.20 ? 81  HOH A O     1 
HETATM 530 O O     . HOH E 2 . ? -6.912  1.618   1.987   1.00 22.94 ? 87  HOH A O     1 
HETATM 531 O O     . HOH E 2 . ? -3.764  0.536   -25.684 1.00 18.84 ? 100 HOH A O     1 
HETATM 532 O O     . HOH E 2 . ? -7.449  7.385   -18.978 1.00 11.02 ? 101 HOH A O     1 
HETATM 533 O O     . HOH E 2 . ? -8.454  -4.739  -19.211 1.00 42.80 ? 105 HOH A O     1 
HETATM 534 O O     . HOH E 2 . ? -13.365 2.432   -15.442 1.00 37.71 ? 119 HOH A O     1 
HETATM 535 O O     . HOH E 2 . ? -10.403 1.432   1.162   1.00 32.02 ? 127 HOH A O     1 
HETATM 536 O O     . HOH E 2 . ? -1.159  4.485   -21.764 1.00 47.39 ? 129 HOH A O     1 
HETATM 537 O O     . HOH E 2 . ? -5.578  -0.860  4.980   1.00 30.38 ? 139 HOH A O     1 
HETATM 538 O O     . HOH F 2 . ? -4.618  -6.622  -6.979  1.00 10.81 ? 34  HOH B O     1 
HETATM 539 O O     . HOH F 2 . ? 1.487   -3.008  0.813   1.00 15.67 ? 37  HOH B O     1 
HETATM 540 O O     . HOH F 2 . ? -6.522  -6.949  -17.534 1.00 12.97 ? 38  HOH B O     1 
HETATM 541 O O     . HOH F 2 . ? -1.871  -3.790  0.259   1.00 25.57 ? 47  HOH B O     1 
HETATM 542 O O     . HOH F 2 . ? -3.976  -4.288  -2.936  1.00 29.63 ? 50  HOH B O     1 
HETATM 543 O O     . HOH F 2 . ? -0.627  -8.762  -12.444 1.00 42.32 ? 51  HOH B O     1 
HETATM 544 O O     . HOH F 2 . ? 2.136   -7.376  -8.593  1.00 22.31 ? 57  HOH B O     1 
HETATM 545 O O     . HOH F 2 . ? 1.563   -6.615  -14.762 1.00 26.34 ? 58  HOH B O     1 
HETATM 546 O O     . HOH F 2 . ? -7.216  -6.607  -12.802 1.00 40.22 ? 65  HOH B O     1 
HETATM 547 O O     . HOH F 2 . ? 2.716   -2.396  -8.370  1.00 30.06 ? 68  HOH B O     1 
HETATM 548 O O     . HOH F 2 . ? -2.198  -6.382  -1.972  1.00 18.26 ? 71  HOH B O     1 
HETATM 549 O O     . HOH F 2 . ? 3.262   -3.916  -18.527 1.00 35.18 ? 79  HOH B O     1 
HETATM 550 O O     . HOH F 2 . ? -0.740  -9.542  -17.298 1.00 21.52 ? 85  HOH B O     1 
HETATM 551 O O     . HOH F 2 . ? -0.131  -10.546 -10.289 1.00 30.10 ? 86  HOH B O     1 
HETATM 552 O O     . HOH F 2 . ? 1.569   -1.684  -12.439 1.00 37.00 ? 89  HOH B O     1 
HETATM 553 O O     . HOH F 2 . ? -1.026  -10.931 -19.852 1.00 40.59 ? 94  HOH B O     1 
HETATM 554 O O     . HOH F 2 . ? -8.913  -11.539 -17.936 1.00 25.08 ? 95  HOH B O     1 
HETATM 555 O O     . HOH F 2 . ? 6.333   -6.921  -3.180  1.00 14.25 ? 98  HOH B O     1 
HETATM 556 O O     . HOH F 2 . ? 1.543   4.214   -5.028  1.00 31.30 ? 99  HOH B O     1 
HETATM 557 O O     . HOH F 2 . ? -8.478  -5.714  -15.383 1.00 29.97 ? 103 HOH B O     1 
HETATM 558 O O     . HOH F 2 . ? -6.640  -8.705  -5.208  1.00 37.27 ? 109 HOH B O     1 
HETATM 559 O O     . HOH F 2 . ? -5.777  -6.020  -4.322  1.00 31.60 ? 111 HOH B O     1 
HETATM 560 O O     . HOH F 2 . ? 4.100   -4.738  -5.260  1.00 24.51 ? 112 HOH B O     1 
HETATM 561 O O     . HOH F 2 . ? -8.063  -13.951 -16.817 1.00 28.43 ? 114 HOH B O     1 
HETATM 562 O O     . HOH F 2 . ? -10.213 -11.870 -20.901 1.00 28.90 ? 120 HOH B O     1 
HETATM 563 O O     . HOH F 2 . ? -3.853  -13.066 -20.339 1.00 33.28 ? 121 HOH B O     1 
HETATM 564 O O     . HOH F 2 . ? 2.037   -3.892  -15.645 1.00 39.92 ? 124 HOH B O     1 
HETATM 565 O O     . HOH F 2 . ? 4.238   3.898   -3.328  1.00 47.19 ? 125 HOH B O     1 
HETATM 566 O O     . HOH F 2 . ? -4.430  -7.759  -28.870 1.00 25.71 ? 133 HOH B O     1 
HETATM 567 O O     . HOH F 2 . ? -6.167  -4.880  -23.348 1.00 39.54 ? 137 HOH B O     1 
HETATM 568 O O     . HOH G 2 . ? 8.364   3.713   16.143  1.00 8.63  ? 33  HOH C O     1 
HETATM 569 O O     . HOH G 2 . ? 7.560   -3.959  17.523  1.00 14.15 ? 39  HOH C O     1 
HETATM 570 O O     . HOH G 2 . ? 7.302   4.966   5.547   1.00 14.64 ? 40  HOH C O     1 
HETATM 571 O O     . HOH G 2 . ? 5.589   3.296   23.974  1.00 16.08 ? 41  HOH C O     1 
HETATM 572 O O     . HOH G 2 . ? 1.401   -1.513  16.144  1.00 22.54 ? 43  HOH C O     1 
HETATM 573 O O     . HOH G 2 . ? 5.906   -6.915  24.267  1.00 17.42 ? 44  HOH C O     1 
HETATM 574 O O     . HOH G 2 . ? 8.280   2.233   21.654  1.00 25.29 ? 53  HOH C O     1 
HETATM 575 O O     . HOH G 2 . ? 8.752   -1.337  10.767  1.00 30.84 ? 64  HOH C O     1 
HETATM 576 O O     . HOH G 2 . ? 6.334   4.212   20.462  1.00 36.93 ? 66  HOH C O     1 
HETATM 577 O O     . HOH G 2 . ? -0.561  0.423   14.611  1.00 31.16 ? 67  HOH C O     1 
HETATM 578 O O     . HOH G 2 . ? 0.734   -0.614  11.812  1.00 27.77 ? 69  HOH C O     1 
HETATM 579 O O     . HOH G 2 . ? 8.200   5.705   10.006  1.00 30.85 ? 73  HOH C O     1 
HETATM 580 O O     . HOH G 2 . ? 4.732   -2.045  9.233   1.00 18.90 ? 80  HOH C O     1 
HETATM 581 O O     . HOH G 2 . ? -4.189  0.272   21.199  1.00 34.97 ? 84  HOH C O     1 
HETATM 582 O O     . HOH G 2 . ? 4.086   4.802   2.813   1.00 35.75 ? 91  HOH C O     1 
HETATM 583 O O     . HOH G 2 . ? 14.844  3.552   6.500   1.00 35.98 ? 96  HOH C O     1 
HETATM 584 O O     . HOH G 2 . ? 10.484  5.904   17.337  1.00 36.69 ? 107 HOH C O     1 
HETATM 585 O O     . HOH G 2 . ? 12.294  -0.173  8.617   1.00 37.92 ? 108 HOH C O     1 
HETATM 586 O O     . HOH G 2 . ? 12.401  3.809   17.683  1.00 25.62 ? 110 HOH C O     1 
HETATM 587 O O     . HOH G 2 . ? 4.913   4.176   0.154   1.00 17.64 ? 115 HOH C O     1 
HETATM 588 O O     . HOH G 2 . ? 7.954   5.269   18.549  1.00 41.56 ? 117 HOH C O     1 
HETATM 589 O O     . HOH G 2 . ? 5.622   6.878   3.830   1.00 24.43 ? 122 HOH C O     1 
HETATM 590 O O     . HOH G 2 . ? 11.037  6.220   20.291  1.00 41.90 ? 126 HOH C O     1 
HETATM 591 O O     . HOH G 2 . ? 14.615  2.421   3.373   1.00 45.77 ? 130 HOH C O     1 
HETATM 592 O O     . HOH G 2 . ? 10.029  0.841   -4.253  1.00 48.15 ? 131 HOH C O     1 
HETATM 593 O O     . HOH G 2 . ? 16.545  -1.504  6.990   1.00 44.50 ? 132 HOH C O     1 
HETATM 594 O O     . HOH G 2 . ? 7.137   -2.688  14.786  1.00 33.26 ? 134 HOH C O     1 
HETATM 595 O O     . HOH G 2 . ? 6.099   7.175   -0.340  1.00 49.41 ? 135 HOH C O     1 
HETATM 596 O O     . HOH G 2 . ? 5.139   9.633   1.440   1.00 37.48 ? 138 HOH C O     1 
HETATM 597 O O     . HOH G 2 . ? 1.806   -1.713  8.719   1.00 44.50 ? 140 HOH C O     1 
HETATM 598 O O     . HOH G 2 . ? 14.110  0.553   5.928   1.00 31.95 ? 141 HOH C O     1 
HETATM 599 O O     . HOH H 2 . ? 4.741   7.733   6.714   1.00 10.48 ? 36  HOH D O     1 
HETATM 600 O O     . HOH H 2 . ? 2.164   7.449   2.204   1.00 13.50 ? 42  HOH D O     1 
HETATM 601 O O     . HOH H 2 . ? 7.072   7.478   16.751  1.00 33.30 ? 45  HOH D O     1 
HETATM 602 O O     . HOH H 2 . ? -3.286  12.052  3.571   1.00 25.77 ? 52  HOH D O     1 
HETATM 603 O O     . HOH H 2 . ? -1.007  8.399   13.406  1.00 22.75 ? 54  HOH D O     1 
HETATM 604 O O     . HOH H 2 . ? -1.396  4.619   -1.437  1.00 18.03 ? 56  HOH D O     1 
HETATM 605 O O     . HOH H 2 . ? 2.070   5.089   -0.603  1.00 26.87 ? 59  HOH D O     1 
HETATM 606 O O     . HOH H 2 . ? -2.570  4.032   7.930   1.00 32.88 ? 61  HOH D O     1 
HETATM 607 O O     . HOH H 2 . ? 5.947   6.081   22.641  1.00 7.70  ? 63  HOH D O     1 
HETATM 608 O O     . HOH H 2 . ? -3.827  5.747   4.992   1.00 26.98 ? 75  HOH D O     1 
HETATM 609 O O     . HOH H 2 . ? -0.426  13.540  4.775   1.00 20.35 ? 78  HOH D O     1 
HETATM 610 O O     . HOH H 2 . ? -1.794  1.222   9.578   1.00 34.56 ? 82  HOH D O     1 
HETATM 611 O O     . HOH H 2 . ? 4.218   14.518  11.724  1.00 16.06 ? 83  HOH D O     1 
HETATM 612 O O     . HOH H 2 . ? 7.404   6.329   13.352  1.00 26.67 ? 88  HOH D O     1 
HETATM 613 O O     . HOH H 2 . ? -5.309  3.763   3.372   1.00 44.04 ? 90  HOH D O     1 
HETATM 614 O O     . HOH H 2 . ? -1.327  2.783   12.306  1.00 22.45 ? 92  HOH D O     1 
HETATM 615 O O     . HOH H 2 . ? -1.878  5.551   14.763  1.00 28.99 ? 93  HOH D O     1 
HETATM 616 O O     . HOH H 2 . ? 3.062   14.759  8.926   1.00 23.47 ? 97  HOH D O     1 
HETATM 617 O O     . HOH H 2 . ? 5.685   13.864  23.651  1.00 16.46 ? 102 HOH D O     1 
HETATM 618 O O     . HOH H 2 . ? 3.959   13.525  20.838  1.00 30.97 ? 104 HOH D O     1 
HETATM 619 O O     . HOH H 2 . ? 7.530   7.193   7.498   1.00 32.92 ? 106 HOH D O     1 
HETATM 620 O O     . HOH H 2 . ? -4.952  3.481   6.591   1.00 31.72 ? 113 HOH D O     1 
HETATM 621 O O     . HOH H 2 . ? -6.612  1.585   5.666   1.00 37.06 ? 116 HOH D O     1 
HETATM 622 O O     . HOH H 2 . ? 7.893   8.413   11.373  1.00 16.52 ? 118 HOH D O     1 
HETATM 623 O O     . HOH H 2 . ? -4.030  13.618  1.235   1.00 41.41 ? 123 HOH D O     1 
HETATM 624 O O     . HOH H 2 . ? 7.992   9.370   25.992  1.00 44.53 ? 128 HOH D O     1 
HETATM 625 O O     . HOH H 2 . ? -7.120  4.516   8.536   1.00 30.12 ? 136 HOH D O     1 
HETATM 626 O O     . HOH H 2 . ? -0.776  11.097  0.145   1.00 27.70 ? 142 HOH D O     1 
# 
loop_
_pdbx_poly_seq_scheme.asym_id 
_pdbx_poly_seq_scheme.entity_id 
_pdbx_poly_seq_scheme.seq_id 
_pdbx_poly_seq_scheme.mon_id 
_pdbx_poly_seq_scheme.ndb_seq_num 
_pdbx_poly_seq_scheme.pdb_seq_num 
_pdbx_poly_seq_scheme.auth_seq_num 
_pdbx_poly_seq_scheme.pdb_mon_id 
_pdbx_poly_seq_scheme.auth_mon_id 
_pdbx_poly_seq_scheme.pdb_strand_id 
_pdbx_poly_seq_scheme.pdb_ins_code 
_pdbx_poly_seq_scheme.hetero 
A 1 1 GPN 1 1  1  GPN GPN A . n 
A 1 2 OPN 2 2  2  OPN BPN A . n 
A 1 3 APN 3 3  3  APN APN A . n 
A 1 4 TPN 4 4  4  TPN TPN A . n 
A 1 5 APN 5 5  5  APN APN A . n 
A 1 6 CPN 6 6  6  CPN CPN A . n 
A 1 7 LYS 7 7  7  LYS LYS A . n 
A 1 8 NH2 8 8  8  NH2 NH2 A . n 
B 1 1 GPN 1 9  9  GPN GPN B . n 
B 1 2 OPN 2 10 10 OPN BPN B . n 
B 1 3 APN 3 11 11 APN APN B . n 
B 1 4 TPN 4 12 12 TPN TPN B . n 
B 1 5 APN 5 13 13 APN APN B . n 
B 1 6 CPN 6 14 14 CPN CPN B . n 
B 1 7 LYS 7 15 15 LYS LYS B . n 
B 1 8 NH2 8 16 16 NH2 NH2 B . n 
C 1 1 GPN 1 17 17 GPN GPN C . n 
C 1 2 OPN 2 18 18 OPN BPN C . n 
C 1 3 APN 3 19 19 APN APN C . n 
C 1 4 TPN 4 20 20 TPN TPN C . n 
C 1 5 APN 5 21 21 APN APN C . n 
C 1 6 CPN 6 22 22 CPN CPN C . n 
C 1 7 LYS 7 23 23 LYS LYS C . n 
C 1 8 NH2 8 24 24 NH2 NH2 C . n 
D 1 1 GPN 1 25 25 GPN GPN D . n 
D 1 2 OPN 2 26 26 OPN BPN D . n 
D 1 3 APN 3 27 27 APN APN D . n 
D 1 4 TPN 4 28 28 TPN TPN D . n 
D 1 5 APN 5 29 29 APN APN D . n 
D 1 6 CPN 6 30 30 CPN CPN D . n 
D 1 7 LYS 7 31 31 LYS LYS D . n 
D 1 8 NH2 8 32 32 NH2 NH2 D . n 
# 
loop_
_pdbx_nonpoly_scheme.asym_id 
_pdbx_nonpoly_scheme.entity_id 
_pdbx_nonpoly_scheme.mon_id 
_pdbx_nonpoly_scheme.ndb_seq_num 
_pdbx_nonpoly_scheme.pdb_seq_num 
_pdbx_nonpoly_scheme.auth_seq_num 
_pdbx_nonpoly_scheme.pdb_mon_id 
_pdbx_nonpoly_scheme.auth_mon_id 
_pdbx_nonpoly_scheme.pdb_strand_id 
_pdbx_nonpoly_scheme.pdb_ins_code 
E 2 HOH 1  35  35  HOH HOH A . 
E 2 HOH 2  46  46  HOH HOH A . 
E 2 HOH 3  48  48  HOH HOH A . 
E 2 HOH 4  49  49  HOH HOH A . 
E 2 HOH 5  55  55  HOH HOH A . 
E 2 HOH 6  60  60  HOH HOH A . 
E 2 HOH 7  62  62  HOH HOH A . 
E 2 HOH 8  70  70  HOH HOH A . 
E 2 HOH 9  72  72  HOH HOH A . 
E 2 HOH 10 74  74  HOH HOH A . 
E 2 HOH 11 76  76  HOH HOH A . 
E 2 HOH 12 77  77  HOH HOH A . 
E 2 HOH 13 81  81  HOH HOH A . 
E 2 HOH 14 87  87  HOH HOH A . 
E 2 HOH 15 100 100 HOH HOH A . 
E 2 HOH 16 101 101 HOH HOH A . 
E 2 HOH 17 105 105 HOH HOH A . 
E 2 HOH 18 119 119 HOH HOH A . 
E 2 HOH 19 127 127 HOH HOH A . 
E 2 HOH 20 129 129 HOH HOH A . 
E 2 HOH 21 139 139 HOH HOH A . 
F 2 HOH 1  34  34  HOH HOH B . 
F 2 HOH 2  37  37  HOH HOH B . 
F 2 HOH 3  38  38  HOH HOH B . 
F 2 HOH 4  47  47  HOH HOH B . 
F 2 HOH 5  50  50  HOH HOH B . 
F 2 HOH 6  51  51  HOH HOH B . 
F 2 HOH 7  57  57  HOH HOH B . 
F 2 HOH 8  58  58  HOH HOH B . 
F 2 HOH 9  65  65  HOH HOH B . 
F 2 HOH 10 68  68  HOH HOH B . 
F 2 HOH 11 71  71  HOH HOH B . 
F 2 HOH 12 79  79  HOH HOH B . 
F 2 HOH 13 85  85  HOH HOH B . 
F 2 HOH 14 86  86  HOH HOH B . 
F 2 HOH 15 89  89  HOH HOH B . 
F 2 HOH 16 94  94  HOH HOH B . 
F 2 HOH 17 95  95  HOH HOH B . 
F 2 HOH 18 98  98  HOH HOH B . 
F 2 HOH 19 99  99  HOH HOH B . 
F 2 HOH 20 103 103 HOH HOH B . 
F 2 HOH 21 109 109 HOH HOH B . 
F 2 HOH 22 111 111 HOH HOH B . 
F 2 HOH 23 112 112 HOH HOH B . 
F 2 HOH 24 114 114 HOH HOH B . 
F 2 HOH 25 120 120 HOH HOH B . 
F 2 HOH 26 121 121 HOH HOH B . 
F 2 HOH 27 124 124 HOH HOH B . 
F 2 HOH 28 125 125 HOH HOH B . 
F 2 HOH 29 133 133 HOH HOH B . 
F 2 HOH 30 137 137 HOH HOH B . 
G 2 HOH 1  33  33  HOH HOH C . 
G 2 HOH 2  39  39  HOH HOH C . 
G 2 HOH 3  40  40  HOH HOH C . 
G 2 HOH 4  41  41  HOH HOH C . 
G 2 HOH 5  43  43  HOH HOH C . 
G 2 HOH 6  44  44  HOH HOH C . 
G 2 HOH 7  53  53  HOH HOH C . 
G 2 HOH 8  64  64  HOH HOH C . 
G 2 HOH 9  66  66  HOH HOH C . 
G 2 HOH 10 67  67  HOH HOH C . 
G 2 HOH 11 69  69  HOH HOH C . 
G 2 HOH 12 73  73  HOH HOH C . 
G 2 HOH 13 80  80  HOH HOH C . 
G 2 HOH 14 84  84  HOH HOH C . 
G 2 HOH 15 91  91  HOH HOH C . 
G 2 HOH 16 96  96  HOH HOH C . 
G 2 HOH 17 107 107 HOH HOH C . 
G 2 HOH 18 108 108 HOH HOH C . 
G 2 HOH 19 110 110 HOH HOH C . 
G 2 HOH 20 115 115 HOH HOH C . 
G 2 HOH 21 117 117 HOH HOH C . 
G 2 HOH 22 122 122 HOH HOH C . 
G 2 HOH 23 126 126 HOH HOH C . 
G 2 HOH 24 130 130 HOH HOH C . 
G 2 HOH 25 131 131 HOH HOH C . 
G 2 HOH 26 132 132 HOH HOH C . 
G 2 HOH 27 134 134 HOH HOH C . 
G 2 HOH 28 135 135 HOH HOH C . 
G 2 HOH 29 138 138 HOH HOH C . 
G 2 HOH 30 140 140 HOH HOH C . 
G 2 HOH 31 141 141 HOH HOH C . 
H 2 HOH 1  36  36  HOH HOH D . 
H 2 HOH 2  42  42  HOH HOH D . 
H 2 HOH 3  45  45  HOH HOH D . 
H 2 HOH 4  52  52  HOH HOH D . 
H 2 HOH 5  54  54  HOH HOH D . 
H 2 HOH 6  56  56  HOH HOH D . 
H 2 HOH 7  59  59  HOH HOH D . 
H 2 HOH 8  61  61  HOH HOH D . 
H 2 HOH 9  63  63  HOH HOH D . 
H 2 HOH 10 75  75  HOH HOH D . 
H 2 HOH 11 78  78  HOH HOH D . 
H 2 HOH 12 82  82  HOH HOH D . 
H 2 HOH 13 83  83  HOH HOH D . 
H 2 HOH 14 88  88  HOH HOH D . 
H 2 HOH 15 90  90  HOH HOH D . 
H 2 HOH 16 92  92  HOH HOH D . 
H 2 HOH 17 93  93  HOH HOH D . 
H 2 HOH 18 97  97  HOH HOH D . 
H 2 HOH 19 102 102 HOH HOH D . 
H 2 HOH 20 104 104 HOH HOH D . 
H 2 HOH 21 106 106 HOH HOH D . 
H 2 HOH 22 113 113 HOH HOH D . 
H 2 HOH 23 116 116 HOH HOH D . 
H 2 HOH 24 118 118 HOH HOH D . 
H 2 HOH 25 123 123 HOH HOH D . 
H 2 HOH 26 128 128 HOH HOH D . 
H 2 HOH 27 136 136 HOH HOH D . 
H 2 HOH 28 142 142 HOH HOH D . 
# 
loop_
_pdbx_struct_mod_residue.id 
_pdbx_struct_mod_residue.label_asym_id 
_pdbx_struct_mod_residue.label_comp_id 
_pdbx_struct_mod_residue.label_seq_id 
_pdbx_struct_mod_residue.auth_asym_id 
_pdbx_struct_mod_residue.auth_comp_id 
_pdbx_struct_mod_residue.auth_seq_id 
_pdbx_struct_mod_residue.PDB_ins_code 
_pdbx_struct_mod_residue.parent_comp_id 
_pdbx_struct_mod_residue.details 
1  A GPN 1 A GPN 1  ? DG ? 
2  A APN 3 A APN 3  ? DA ? 
3  A TPN 4 A TPN 4  ? DT ? 
4  A APN 5 A APN 5  ? DA ? 
5  A CPN 6 A CPN 6  ? DC ? 
6  B GPN 1 B GPN 9  ? DG ? 
7  B APN 3 B APN 11 ? DA ? 
8  B TPN 4 B TPN 12 ? DT ? 
9  B APN 5 B APN 13 ? DA ? 
10 B CPN 6 B CPN 14 ? DC ? 
11 C GPN 1 C GPN 17 ? DG ? 
12 C APN 3 C APN 19 ? DA ? 
13 C TPN 4 C TPN 20 ? DT ? 
14 C APN 5 C APN 21 ? DA ? 
15 C CPN 6 C CPN 22 ? DC ? 
16 D GPN 1 D GPN 25 ? DG ? 
17 D APN 3 D APN 27 ? DA ? 
18 D TPN 4 D TPN 28 ? DT ? 
19 D APN 5 D APN 29 ? DA ? 
20 D CPN 6 D CPN 30 ? DC ? 
# 
loop_
_pdbx_struct_assembly.id 
_pdbx_struct_assembly.details 
_pdbx_struct_assembly.method_details 
_pdbx_struct_assembly.oligomeric_details 
_pdbx_struct_assembly.oligomeric_count 
1 author_defined_assembly ? dimeric 2 
2 author_defined_assembly ? dimeric 2 
# 
loop_
_pdbx_struct_assembly_gen.assembly_id 
_pdbx_struct_assembly_gen.oper_expression 
_pdbx_struct_assembly_gen.asym_id_list 
1 1 A,B,E,F 
2 1 C,D,G,H 
# 
_pdbx_struct_oper_list.id                   1 
_pdbx_struct_oper_list.type                 'identity operation' 
_pdbx_struct_oper_list.name                 1_555 
_pdbx_struct_oper_list.symmetry_operation   x,y,z 
_pdbx_struct_oper_list.matrix[1][1]         1.0000000000 
_pdbx_struct_oper_list.matrix[1][2]         0.0000000000 
_pdbx_struct_oper_list.matrix[1][3]         0.0000000000 
_pdbx_struct_oper_list.vector[1]            0.0000000000 
_pdbx_struct_oper_list.matrix[2][1]         0.0000000000 
_pdbx_struct_oper_list.matrix[2][2]         1.0000000000 
_pdbx_struct_oper_list.matrix[2][3]         0.0000000000 
_pdbx_struct_oper_list.vector[2]            0.0000000000 
_pdbx_struct_oper_list.matrix[3][1]         0.0000000000 
_pdbx_struct_oper_list.matrix[3][2]         0.0000000000 
_pdbx_struct_oper_list.matrix[3][3]         1.0000000000 
_pdbx_struct_oper_list.vector[3]            0.0000000000 
# 
loop_
_pdbx_audit_revision_history.ordinal 
_pdbx_audit_revision_history.data_content_type 
_pdbx_audit_revision_history.major_revision 
_pdbx_audit_revision_history.minor_revision 
_pdbx_audit_revision_history.revision_date 
1 'Structure model' 1 0 2001-07-26 
2 'Structure model' 1 1 2008-04-27 
3 'Structure model' 1 2 2011-07-13 
4 'Structure model' 1 3 2023-08-09 
5 'Structure model' 2 0 2023-11-15 
# 
_pdbx_audit_revision_details.ordinal             1 
_pdbx_audit_revision_details.revision_ordinal    1 
_pdbx_audit_revision_details.data_content_type   'Structure model' 
_pdbx_audit_revision_details.provider            repository 
_pdbx_audit_revision_details.type                'Initial release' 
_pdbx_audit_revision_details.description         ? 
_pdbx_audit_revision_details.details             ? 
# 
loop_
_pdbx_audit_revision_group.ordinal 
_pdbx_audit_revision_group.revision_ordinal 
_pdbx_audit_revision_group.data_content_type 
_pdbx_audit_revision_group.group 
1  2 'Structure model' 'Version format compliance' 
2  3 'Structure model' 'Non-polymer description'   
3  3 'Structure model' 'Version format compliance' 
4  4 'Structure model' 'Data collection'           
5  4 'Structure model' 'Database references'       
6  4 'Structure model' 'Derived calculations'      
7  4 'Structure model' 'Refinement description'    
8  5 'Structure model' 'Atomic model'              
9  5 'Structure model' 'Data collection'           
10 5 'Structure model' 'Derived calculations'      
# 
loop_
_pdbx_audit_revision_category.ordinal 
_pdbx_audit_revision_category.revision_ordinal 
_pdbx_audit_revision_category.data_content_type 
_pdbx_audit_revision_category.category 
1  4 'Structure model' chem_comp_atom                
2  4 'Structure model' chem_comp_bond                
3  4 'Structure model' database_2                    
4  4 'Structure model' diffrn_source                 
5  4 'Structure model' pdbx_initial_refinement_model 
6  4 'Structure model' struct_conn                   
7  4 'Structure model' struct_site                   
8  5 'Structure model' atom_site                     
9  5 'Structure model' chem_comp_atom                
10 5 'Structure model' chem_comp_bond                
11 5 'Structure model' struct_conn                   
# 
loop_
_pdbx_audit_revision_item.ordinal 
_pdbx_audit_revision_item.revision_ordinal 
_pdbx_audit_revision_item.data_content_type 
_pdbx_audit_revision_item.item 
1  4 'Structure model' '_database_2.pdbx_DOI'                 
2  4 'Structure model' '_database_2.pdbx_database_accession'  
3  4 'Structure model' '_diffrn_source.pdbx_synchrotron_site' 
4  4 'Structure model' '_struct_conn.pdbx_leaving_atom_flag'  
5  4 'Structure model' '_struct_site.pdbx_auth_asym_id'       
6  4 'Structure model' '_struct_site.pdbx_auth_comp_id'       
7  4 'Structure model' '_struct_site.pdbx_auth_seq_id'        
8  5 'Structure model' '_atom_site.auth_atom_id'              
9  5 'Structure model' '_atom_site.label_atom_id'             
10 5 'Structure model' '_chem_comp_atom.atom_id'              
11 5 'Structure model' '_chem_comp_bond.atom_id_1'            
12 5 'Structure model' '_chem_comp_bond.atom_id_2'            
13 5 'Structure model' '_struct_conn.pdbx_leaving_atom_flag'  
14 5 'Structure model' '_struct_conn.ptnr1_label_atom_id'     
15 5 'Structure model' '_struct_conn.ptnr2_label_atom_id'     
# 
loop_
_software.name 
_software.classification 
_software.version 
_software.citation_id 
_software.pdbx_ordinal 
DENZO     'data reduction' .     ? 1 
SCALEPACK 'data scaling'   .     ? 2 
AMoRE     phasing          .     ? 3 
X-PLOR    refinement       3.851 ? 4 
# 
_pdbx_database_remark.id     300 
_pdbx_database_remark.text   
;
BIOMOLECULE: 1,2
THIS ENTRY CONTAINS THE CRYSTALLOGRAPHIC ASYMMETRIC UNIT
WHICH CONSISTS OF 4 CHAIN(S). SEE REMARK 350 FOR
INFORMATION ON GENERATING THE BIOLOGICAL MOLECULE(S).
CHAINS A AND B BUILD A RIGHT-HANDED PNA DOUBLE HELIX
AND CHAINS C AND D BUILD A LEFT-HANDED DOUBLE HELIX.
;
# 
_pdbx_validate_symm_contact.id                1 
_pdbx_validate_symm_contact.PDB_model_num     1 
_pdbx_validate_symm_contact.auth_atom_id_1    O 
_pdbx_validate_symm_contact.auth_asym_id_1    D 
_pdbx_validate_symm_contact.auth_comp_id_1    LYS 
_pdbx_validate_symm_contact.auth_seq_id_1     31 
_pdbx_validate_symm_contact.PDB_ins_code_1    ? 
_pdbx_validate_symm_contact.label_alt_id_1    ? 
_pdbx_validate_symm_contact.site_symmetry_1   1_555 
_pdbx_validate_symm_contact.auth_atom_id_2    O 
_pdbx_validate_symm_contact.auth_asym_id_2    A 
_pdbx_validate_symm_contact.auth_comp_id_2    HOH 
_pdbx_validate_symm_contact.auth_seq_id_2     129 
_pdbx_validate_symm_contact.PDB_ins_code_2    ? 
_pdbx_validate_symm_contact.label_alt_id_2    ? 
_pdbx_validate_symm_contact.site_symmetry_2   1_556 
_pdbx_validate_symm_contact.dist              2.18 
# 
loop_
_chem_comp_atom.comp_id 
_chem_comp_atom.atom_id 
_chem_comp_atom.type_symbol 
_chem_comp_atom.pdbx_aromatic_flag 
_chem_comp_atom.pdbx_stereo_config 
_chem_comp_atom.pdbx_ordinal 
APN "C8'"  C N N 1   
APN "C7'"  C N N 2   
APN "O7'"  O N N 3   
APN "C5'"  C N N 4   
APN C      C N N 5   
APN O      O N N 6   
APN OXT    O N N 7   
APN "N4'"  N N N 8   
APN "C3'"  C N N 9   
APN "C2'"  C N N 10  
APN N      N N N 11  
APN N9     N Y N 12  
APN C8     C Y N 13  
APN N7     N Y N 14  
APN C5     C Y N 15  
APN C6     C Y N 16  
APN N6     N N N 17  
APN N1     N Y N 18  
APN C2     C Y N 19  
APN N3     N Y N 20  
APN C4     C Y N 21  
APN "H8'1" H N N 22  
APN "H8'2" H N N 23  
APN "H5'1" H N N 24  
APN "H5'2" H N N 25  
APN HXT    H N N 26  
APN "H3'1" H N N 27  
APN "H3'2" H N N 28  
APN "H2'1" H N N 29  
APN "H2'2" H N N 30  
APN H      H N N 31  
APN H2     H N N 32  
APN H3     H N N 33  
APN H8     H N N 34  
APN HN61   H N N 35  
APN HN62   H N N 36  
APN H21    H N N 37  
CPN "C8'"  C N N 38  
CPN "C7'"  C N N 39  
CPN "O7'"  O N N 40  
CPN "C5'"  C N N 41  
CPN C      C N N 42  
CPN O      O N N 43  
CPN OXT    O N N 44  
CPN "N4'"  N N N 45  
CPN "C3'"  C N N 46  
CPN "C2'"  C N N 47  
CPN N      N N N 48  
CPN N1     N N N 49  
CPN C2     C N N 50  
CPN N3     N N N 51  
CPN C4     C N N 52  
CPN C5     C N N 53  
CPN C6     C N N 54  
CPN O2     O N N 55  
CPN N4     N N N 56  
CPN "H8'1" H N N 57  
CPN "H8'2" H N N 58  
CPN "H5'1" H N N 59  
CPN "H5'2" H N N 60  
CPN HXT    H N N 61  
CPN "H3'1" H N N 62  
CPN "H3'2" H N N 63  
CPN "H2'1" H N N 64  
CPN "H2'2" H N N 65  
CPN H      H N N 66  
CPN H2     H N N 67  
CPN H3     H N N 68  
CPN H5     H N N 69  
CPN H6     H N N 70  
CPN HN41   H N N 71  
CPN HN42   H N N 72  
GPN "C8'"  C N N 73  
GPN "C7'"  C N N 74  
GPN "O7'"  O N N 75  
GPN "C5'"  C N N 76  
GPN C      C N N 77  
GPN O      O N N 78  
GPN OXT    O N N 79  
GPN "N4'"  N N N 80  
GPN "C3'"  C N N 81  
GPN "C2'"  C N N 82  
GPN N      N N N 83  
GPN N9     N Y N 84  
GPN C8     C Y N 85  
GPN N7     N Y N 86  
GPN C5     C Y N 87  
GPN C6     C N N 88  
GPN O6     O N N 89  
GPN N1     N N N 90  
GPN C2     C N N 91  
GPN N2     N N N 92  
GPN N3     N N N 93  
GPN C4     C Y N 94  
GPN "H8'1" H N N 95  
GPN "H8'2" H N N 96  
GPN "H5'1" H N N 97  
GPN "H5'2" H N N 98  
GPN HXT    H N N 99  
GPN "H3'1" H N N 100 
GPN "H3'2" H N N 101 
GPN "H2'1" H N N 102 
GPN "H2'2" H N N 103 
GPN H      H N N 104 
GPN H2     H N N 105 
GPN H3     H N N 106 
GPN H8     H N N 107 
GPN HN1    H N N 108 
GPN HN21   H N N 109 
GPN HN22   H N N 110 
HOH O      O N N 111 
HOH H1     H N N 112 
HOH H2     H N N 113 
LYS N      N N N 114 
LYS CA     C N S 115 
LYS C      C N N 116 
LYS O      O N N 117 
LYS CB     C N N 118 
LYS CG     C N N 119 
LYS CD     C N N 120 
LYS CE     C N N 121 
LYS NZ     N N N 122 
LYS OXT    O N N 123 
LYS H      H N N 124 
LYS H2     H N N 125 
LYS HA     H N N 126 
LYS HB2    H N N 127 
LYS HB3    H N N 128 
LYS HG2    H N N 129 
LYS HG3    H N N 130 
LYS HD2    H N N 131 
LYS HD3    H N N 132 
LYS HE2    H N N 133 
LYS HE3    H N N 134 
LYS HZ1    H N N 135 
LYS HZ2    H N N 136 
LYS HZ3    H N N 137 
LYS HXT    H N N 138 
NH2 N      N N N 139 
NH2 HN1    H N N 140 
NH2 HN2    H N N 141 
OPN "N1'"  N N N 142 
OPN "C2'"  C N N 143 
OPN "C3'"  C N N 144 
OPN "N4'"  N N N 145 
OPN "C5'"  C N N 146 
OPN "C'"   C N N 147 
OPN "O1'"  O N N 148 
OPN "C7'"  C N N 149 
OPN "O7'"  O N N 150 
OPN "C8'"  C N N 151 
OPN C1     C Y N 152 
OPN C6     C Y N 153 
OPN C2     C Y N 154 
OPN O2     O N N 155 
OPN N3     N Y N 156 
OPN C4     C Y N 157 
OPN C5     C Y N 158 
OPN C7     C Y N 159 
OPN C8     C Y N 160 
OPN C9     C Y N 161 
OPN N10    N Y N 162 
OPN OXT    O N N 163 
OPN "H1'1" H N N 164 
OPN "H1'2" H N N 165 
OPN "H1'3" H N N 166 
OPN "H2'1" H N N 167 
OPN "H2'2" H N N 168 
OPN "H3'1" H N N 169 
OPN "H3'2" H N N 170 
OPN "H5'1" H N N 171 
OPN "H5'2" H N N 172 
OPN "H8'1" H N N 173 
OPN "H8'2" H N N 174 
OPN H6     H N N 175 
OPN HN3    H N N 176 
OPN H7     H N N 177 
OPN H8     H N N 178 
OPN H9     H N N 179 
OPN HXT    H N N 180 
TPN "C8'"  C N N 181 
TPN "C7'"  C N N 182 
TPN "O7'"  O N N 183 
TPN "C5'"  C N N 184 
TPN C      C N N 185 
TPN O      O N N 186 
TPN OXT    O N N 187 
TPN "N4'"  N N N 188 
TPN "C3'"  C N N 189 
TPN "C2'"  C N N 190 
TPN N      N N N 191 
TPN N1     N N N 192 
TPN C6     C N N 193 
TPN C2     C N N 194 
TPN O2     O N N 195 
TPN N3     N N N 196 
TPN C4     C N N 197 
TPN O4     O N N 198 
TPN C5     C N N 199 
TPN C5M    C N N 200 
TPN "H8'1" H N N 201 
TPN "H8'2" H N N 202 
TPN "H5'1" H N N 203 
TPN "H5'2" H N N 204 
TPN HXT    H N N 205 
TPN "H3'1" H N N 206 
TPN "H3'2" H N N 207 
TPN "H2'1" H N N 208 
TPN "H2'2" H N N 209 
TPN H      H N N 210 
TPN H2     H N N 211 
TPN H3     H N N 212 
TPN H6     H N N 213 
TPN HN3    H N N 214 
TPN HM51   H N N 215 
TPN HM52   H N N 216 
TPN HM53   H N N 217 
# 
loop_
_chem_comp_bond.comp_id 
_chem_comp_bond.atom_id_1 
_chem_comp_bond.atom_id_2 
_chem_comp_bond.value_order 
_chem_comp_bond.pdbx_aromatic_flag 
_chem_comp_bond.pdbx_stereo_config 
_chem_comp_bond.pdbx_ordinal 
APN "C8'" "C7'"  sing N N 1   
APN "C8'" N9     sing N N 2   
APN "C8'" "H8'1" sing N N 3   
APN "C8'" "H8'2" sing N N 4   
APN "C7'" "O7'"  doub N N 5   
APN "C7'" "N4'"  sing N N 6   
APN "C5'" C      sing N N 7   
APN "C5'" "N4'"  sing N N 8   
APN "C5'" "H5'1" sing N N 9   
APN "C5'" "H5'2" sing N N 10  
APN C     O      doub N N 11  
APN C     OXT    sing N N 12  
APN OXT   HXT    sing N N 13  
APN "N4'" "C3'"  sing N N 14  
APN "C3'" "C2'"  sing N N 15  
APN "C3'" "H3'1" sing N N 16  
APN "C3'" "H3'2" sing N N 17  
APN "C2'" N      sing N N 18  
APN "C2'" "H2'1" sing N N 19  
APN "C2'" "H2'2" sing N N 20  
APN N     H      sing N N 21  
APN N     H2     sing N N 22  
APN N     H3     sing N N 23  
APN N9    C8     sing Y N 24  
APN N9    C4     sing Y N 25  
APN C8    N7     doub Y N 26  
APN C8    H8     sing N N 27  
APN N7    C5     sing Y N 28  
APN C5    C6     sing Y N 29  
APN C5    C4     doub Y N 30  
APN C6    N6     sing N N 31  
APN C6    N1     doub Y N 32  
APN N6    HN61   sing N N 33  
APN N6    HN62   sing N N 34  
APN N1    C2     sing Y N 35  
APN C2    N3     doub Y N 36  
APN C2    H21    sing N N 37  
APN N3    C4     sing Y N 38  
CPN "C8'" "C7'"  sing N N 39  
CPN "C8'" N1     sing N N 40  
CPN "C8'" "H8'1" sing N N 41  
CPN "C8'" "H8'2" sing N N 42  
CPN "C7'" "O7'"  doub N N 43  
CPN "C7'" "N4'"  sing N N 44  
CPN "C5'" C      sing N N 45  
CPN "C5'" "N4'"  sing N N 46  
CPN "C5'" "H5'1" sing N N 47  
CPN "C5'" "H5'2" sing N N 48  
CPN C     O      doub N N 49  
CPN C     OXT    sing N N 50  
CPN OXT   HXT    sing N N 51  
CPN "N4'" "C3'"  sing N N 52  
CPN "C3'" "C2'"  sing N N 53  
CPN "C3'" "H3'1" sing N N 54  
CPN "C3'" "H3'2" sing N N 55  
CPN "C2'" N      sing N N 56  
CPN "C2'" "H2'1" sing N N 57  
CPN "C2'" "H2'2" sing N N 58  
CPN N     H      sing N N 59  
CPN N     H2     sing N N 60  
CPN N     H3     sing N N 61  
CPN N1    C2     sing N N 62  
CPN N1    C6     sing N N 63  
CPN C2    N3     sing N N 64  
CPN C2    O2     doub N N 65  
CPN N3    C4     doub N N 66  
CPN C4    C5     sing N N 67  
CPN C4    N4     sing N N 68  
CPN C5    C6     doub N N 69  
CPN C5    H5     sing N N 70  
CPN C6    H6     sing N N 71  
CPN N4    HN41   sing N N 72  
CPN N4    HN42   sing N N 73  
GPN "C8'" "C7'"  sing N N 74  
GPN "C8'" N9     sing N N 75  
GPN "C8'" "H8'1" sing N N 76  
GPN "C8'" "H8'2" sing N N 77  
GPN "C7'" "O7'"  doub N N 78  
GPN "C7'" "N4'"  sing N N 79  
GPN "C5'" C      sing N N 80  
GPN "C5'" "N4'"  sing N N 81  
GPN "C5'" "H5'1" sing N N 82  
GPN "C5'" "H5'2" sing N N 83  
GPN C     O      doub N N 84  
GPN C     OXT    sing N N 85  
GPN OXT   HXT    sing N N 86  
GPN "N4'" "C3'"  sing N N 87  
GPN "C3'" "C2'"  sing N N 88  
GPN "C3'" "H3'1" sing N N 89  
GPN "C3'" "H3'2" sing N N 90  
GPN "C2'" N      sing N N 91  
GPN "C2'" "H2'1" sing N N 92  
GPN "C2'" "H2'2" sing N N 93  
GPN N     H      sing N N 94  
GPN N     H2     sing N N 95  
GPN N     H3     sing N N 96  
GPN N9    C8     sing Y N 97  
GPN N9    C4     sing Y N 98  
GPN C8    N7     doub Y N 99  
GPN C8    H8     sing N N 100 
GPN N7    C5     sing Y N 101 
GPN C5    C6     sing N N 102 
GPN C5    C4     doub Y N 103 
GPN C6    O6     doub N N 104 
GPN C6    N1     sing N N 105 
GPN N1    C2     sing N N 106 
GPN N1    HN1    sing N N 107 
GPN C2    N2     sing N N 108 
GPN C2    N3     doub N N 109 
GPN N2    HN21   sing N N 110 
GPN N2    HN22   sing N N 111 
GPN N3    C4     sing N N 112 
HOH O     H1     sing N N 113 
HOH O     H2     sing N N 114 
LYS N     CA     sing N N 115 
LYS N     H      sing N N 116 
LYS N     H2     sing N N 117 
LYS CA    C      sing N N 118 
LYS CA    CB     sing N N 119 
LYS CA    HA     sing N N 120 
LYS C     O      doub N N 121 
LYS C     OXT    sing N N 122 
LYS CB    CG     sing N N 123 
LYS CB    HB2    sing N N 124 
LYS CB    HB3    sing N N 125 
LYS CG    CD     sing N N 126 
LYS CG    HG2    sing N N 127 
LYS CG    HG3    sing N N 128 
LYS CD    CE     sing N N 129 
LYS CD    HD2    sing N N 130 
LYS CD    HD3    sing N N 131 
LYS CE    NZ     sing N N 132 
LYS CE    HE2    sing N N 133 
LYS CE    HE3    sing N N 134 
LYS NZ    HZ1    sing N N 135 
LYS NZ    HZ2    sing N N 136 
LYS NZ    HZ3    sing N N 137 
LYS OXT   HXT    sing N N 138 
NH2 N     HN1    sing N N 139 
NH2 N     HN2    sing N N 140 
OPN "N1'" "C2'"  sing N N 141 
OPN "N1'" "H1'1" sing N N 142 
OPN "N1'" "H1'2" sing N N 143 
OPN "N1'" "H1'3" sing N N 144 
OPN "C2'" "C3'"  sing N N 145 
OPN "C2'" "H2'1" sing N N 146 
OPN "C2'" "H2'2" sing N N 147 
OPN "C3'" "N4'"  sing N N 148 
OPN "C3'" "H3'1" sing N N 149 
OPN "C3'" "H3'2" sing N N 150 
OPN "N4'" "C5'"  sing N N 151 
OPN "N4'" "C7'"  sing N N 152 
OPN "C5'" "C'"   sing N N 153 
OPN "C5'" "H5'1" sing N N 154 
OPN "C5'" "H5'2" sing N N 155 
OPN "C'"  "O1'"  doub N N 156 
OPN "C'"  OXT    sing N N 157 
OPN "C7'" "O7'"  doub N N 158 
OPN "C7'" "C8'"  sing N N 159 
OPN "C8'" C1     sing N N 160 
OPN "C8'" "H8'1" sing N N 161 
OPN "C8'" "H8'2" sing N N 162 
OPN C1    C6     doub Y N 163 
OPN C1    C2     sing Y N 164 
OPN C6    C5     sing Y N 165 
OPN C6    H6     sing N N 166 
OPN C2    O2     doub N N 167 
OPN C2    N3     sing Y N 168 
OPN N3    C4     sing Y N 169 
OPN N3    HN3    sing N N 170 
OPN C4    C5     doub Y N 171 
OPN C4    N10    sing Y N 172 
OPN C5    C7     sing Y N 173 
OPN C7    C8     doub Y N 174 
OPN C7    H7     sing N N 175 
OPN C8    C9     sing Y N 176 
OPN C8    H8     sing N N 177 
OPN C9    N10    doub Y N 178 
OPN C9    H9     sing N N 179 
OPN OXT   HXT    sing N N 180 
TPN "C8'" "C7'"  sing N N 181 
TPN "C8'" N1     sing N N 182 
TPN "C8'" "H8'1" sing N N 183 
TPN "C8'" "H8'2" sing N N 184 
TPN "C7'" "O7'"  doub N N 185 
TPN "C7'" "N4'"  sing N N 186 
TPN "C5'" C      sing N N 187 
TPN "C5'" "N4'"  sing N N 188 
TPN "C5'" "H5'1" sing N N 189 
TPN "C5'" "H5'2" sing N N 190 
TPN C     O      doub N N 191 
TPN C     OXT    sing N N 192 
TPN OXT   HXT    sing N N 193 
TPN "N4'" "C3'"  sing N N 194 
TPN "C3'" "C2'"  sing N N 195 
TPN "C3'" "H3'1" sing N N 196 
TPN "C3'" "H3'2" sing N N 197 
TPN "C2'" N      sing N N 198 
TPN "C2'" "H2'1" sing N N 199 
TPN "C2'" "H2'2" sing N N 200 
TPN N     H      sing N N 201 
TPN N     H2     sing N N 202 
TPN N     H3     sing N N 203 
TPN N1    C6     sing N N 204 
TPN N1    C2     sing N N 205 
TPN C6    C5     doub N N 206 
TPN C6    H6     sing N N 207 
TPN C2    O2     doub N N 208 
TPN C2    N3     sing N N 209 
TPN N3    C4     sing N N 210 
TPN N3    HN3    sing N N 211 
TPN C4    O4     doub N N 212 
TPN C4    C5     sing N N 213 
TPN C5    C5M    sing N N 214 
TPN C5M   HM51   sing N N 215 
TPN C5M   HM52   sing N N 216 
TPN C5M   HM53   sing N N 217 
# 
loop_
_ndb_struct_conf_na.entry_id 
_ndb_struct_conf_na.feature 
1HZS 'double helix'        
1HZS 'z-form double helix' 
# 
loop_
_ndb_struct_na_base_pair.model_number 
_ndb_struct_na_base_pair.i_label_asym_id 
_ndb_struct_na_base_pair.i_label_comp_id 
_ndb_struct_na_base_pair.i_label_seq_id 
_ndb_struct_na_base_pair.i_symmetry 
_ndb_struct_na_base_pair.j_label_asym_id 
_ndb_struct_na_base_pair.j_label_comp_id 
_ndb_struct_na_base_pair.j_label_seq_id 
_ndb_struct_na_base_pair.j_symmetry 
_ndb_struct_na_base_pair.shear 
_ndb_struct_na_base_pair.stretch 
_ndb_struct_na_base_pair.stagger 
_ndb_struct_na_base_pair.buckle 
_ndb_struct_na_base_pair.propeller 
_ndb_struct_na_base_pair.opening 
_ndb_struct_na_base_pair.pair_number 
_ndb_struct_na_base_pair.pair_name 
_ndb_struct_na_base_pair.i_auth_asym_id 
_ndb_struct_na_base_pair.i_auth_seq_id 
_ndb_struct_na_base_pair.i_PDB_ins_code 
_ndb_struct_na_base_pair.j_auth_asym_id 
_ndb_struct_na_base_pair.j_auth_seq_id 
_ndb_struct_na_base_pair.j_PDB_ins_code 
_ndb_struct_na_base_pair.hbond_type_28 
_ndb_struct_na_base_pair.hbond_type_12 
1 A GPN 1 1_555 B CPN 6 1_555 0.160  -0.118 -0.109 -1.985 -2.068  2.092  1 A_GPN1:CPN14_B  A 1  ? B 14 ? 19 1 
1 A APN 3 1_555 B TPN 4 1_555 0.101  -0.136 0.249  5.222  -12.214 -2.164 2 A_APN3:TPN12_B  A 3  ? B 12 ? 20 1 
1 A TPN 4 1_555 B APN 3 1_555 -0.237 -0.120 0.320  -7.999 -12.504 -2.245 3 A_TPN4:APN11_B  A 4  ? B 11 ? 20 1 
1 A CPN 6 1_555 B GPN 1 1_555 0.157  -0.126 0.166  -5.590 -1.561  -2.408 4 A_CPN6:GPN9_B   A 6  ? B 9  ? 19 1 
1 C CPN 6 1_555 D GPN 1 1_555 0.123  -0.199 -0.115 0.076  1.091   -4.407 5 C_CPN22:GPN25_D C 22 ? D 25 ? 19 1 
1 C GPN 1 1_555 D CPN 6 1_555 -0.176 -0.121 -0.048 -3.755 0.114   -2.453 6 C_GPN17:CPN30_D C 17 ? D 30 ? 19 1 
1 C APN 3 1_555 D TPN 4 1_555 -0.064 -0.173 0.133  3.799  8.516   -0.599 7 C_APN19:TPN28_D C 19 ? D 28 ? 20 1 
1 C TPN 4 1_555 D APN 3 1_555 0.137  -0.160 0.364  -6.622 11.676  -1.541 8 C_TPN20:APN27_D C 20 ? D 27 ? 20 1 
# 
loop_
_ndb_struct_na_base_pair_step.model_number 
_ndb_struct_na_base_pair_step.i_label_asym_id_1 
_ndb_struct_na_base_pair_step.i_label_comp_id_1 
_ndb_struct_na_base_pair_step.i_label_seq_id_1 
_ndb_struct_na_base_pair_step.i_symmetry_1 
_ndb_struct_na_base_pair_step.j_label_asym_id_1 
_ndb_struct_na_base_pair_step.j_label_comp_id_1 
_ndb_struct_na_base_pair_step.j_label_seq_id_1 
_ndb_struct_na_base_pair_step.j_symmetry_1 
_ndb_struct_na_base_pair_step.i_label_asym_id_2 
_ndb_struct_na_base_pair_step.i_label_comp_id_2 
_ndb_struct_na_base_pair_step.i_label_seq_id_2 
_ndb_struct_na_base_pair_step.i_symmetry_2 
_ndb_struct_na_base_pair_step.j_label_asym_id_2 
_ndb_struct_na_base_pair_step.j_label_comp_id_2 
_ndb_struct_na_base_pair_step.j_label_seq_id_2 
_ndb_struct_na_base_pair_step.j_symmetry_2 
_ndb_struct_na_base_pair_step.shift 
_ndb_struct_na_base_pair_step.slide 
_ndb_struct_na_base_pair_step.rise 
_ndb_struct_na_base_pair_step.tilt 
_ndb_struct_na_base_pair_step.roll 
_ndb_struct_na_base_pair_step.twist 
_ndb_struct_na_base_pair_step.x_displacement 
_ndb_struct_na_base_pair_step.y_displacement 
_ndb_struct_na_base_pair_step.helical_rise 
_ndb_struct_na_base_pair_step.inclination 
_ndb_struct_na_base_pair_step.tip 
_ndb_struct_na_base_pair_step.helical_twist 
_ndb_struct_na_base_pair_step.step_number 
_ndb_struct_na_base_pair_step.step_name 
_ndb_struct_na_base_pair_step.i_auth_asym_id_1 
_ndb_struct_na_base_pair_step.i_auth_seq_id_1 
_ndb_struct_na_base_pair_step.i_PDB_ins_code_1 
_ndb_struct_na_base_pair_step.j_auth_asym_id_1 
_ndb_struct_na_base_pair_step.j_auth_seq_id_1 
_ndb_struct_na_base_pair_step.j_PDB_ins_code_1 
_ndb_struct_na_base_pair_step.i_auth_asym_id_2 
_ndb_struct_na_base_pair_step.i_auth_seq_id_2 
_ndb_struct_na_base_pair_step.i_PDB_ins_code_2 
_ndb_struct_na_base_pair_step.j_auth_asym_id_2 
_ndb_struct_na_base_pair_step.j_auth_seq_id_2 
_ndb_struct_na_base_pair_step.j_PDB_ins_code_2 
1 A APN 3 1_555 B TPN 4 1_555 A TPN 4 1_555 B APN 3 1_555 -0.172 -2.842 3.571 -1.340 -2.041 23.278  -6.223 -0.091 3.806 -5.041 
3.310  23.404  1 AA_APN3TPN4:APN11TPN12_BB   A 3  ? B 12 ? A 4  ? B 11 ? 
1 A CPN 6 1_555 B GPN 1 1_555 C CPN 6 1_555 D GPN 1 1_555 -3.562 3.118  3.056 -0.396 -0.652 177.558 1.560  1.782  3.056 -0.326 
0.198  177.558 2 AC_CPN6CPN22:GPN25GPN9_DB   A 6  ? B 9  ? C 22 ? D 25 ? 
1 C APN 3 1_555 D TPN 4 1_555 C TPN 4 1_555 D APN 3 1_555 -0.239 -2.705 3.534 -0.768 2.735  -24.064 5.469  -0.844 3.804 -6.530 
-1.835 -24.228 3 CC_APN19TPN20:APN27TPN28_DD C 19 ? D 28 ? C 20 ? D 27 ? 
# 
_pdbx_entity_nonpoly.entity_id   2 
_pdbx_entity_nonpoly.name        water 
_pdbx_entity_nonpoly.comp_id     HOH 
# 
_pdbx_initial_refinement_model.id               1 
_pdbx_initial_refinement_model.entity_id_list   ? 
_pdbx_initial_refinement_model.type             'experimental model' 
_pdbx_initial_refinement_model.source_name      PDB 
_pdbx_initial_refinement_model.accession_code   1PUP 
_pdbx_initial_refinement_model.details          'PDB entry 1PUP' 
# 
